data_3O7L
#
_entry.id   3O7L
#
_cell.length_a   92.193
_cell.length_b   92.193
_cell.length_c   192.186
_cell.angle_alpha   90.00
_cell.angle_beta   90.00
_cell.angle_gamma   120.00
#
_symmetry.space_group_name_H-M   'P 61'
#
loop_
_entity.id
_entity.type
_entity.pdbx_description
1 polymer 'cAMP-dependent protein kinase catalytic subunit alpha'
2 polymer 'cAMP-dependent protein kinase catalytic subunit alpha'
3 polymer 'Cardiac phospholamban'
4 non-polymer 'MAGNESIUM ION'
5 non-polymer DI(HYDROXYETHYL)ETHER
6 non-polymer 'PHOSPHOAMINOPHOSPHONIC ACID-ADENYLATE ESTER'
7 water water
#
loop_
_entity_poly.entity_id
_entity_poly.type
_entity_poly.pdbx_seq_one_letter_code
_entity_poly.pdbx_strand_id
1 'polypeptide(L)'
;GNAAAAKKGSEQESVKEFLAKAKEDFLKKWETPSQNTAQLDQFDRIKTLGTGSFGRVMLVKHKESGNHYAMKILDKQKVV
KLKQIEHTLNEKRILQAVNFPFLVKLEFSFKDNSNLYMVMEYVAGGEMFSHLRRIGRFSEPHARFYAAQIVLTFEYLHSL
DLIYRDLKPENLIIDQQGYIQVTDFGFAKRVKGRTW(TPO)LCGTPEYLAPEIIISKGYNKAVDWWALGVLIYEMAAGYP
PFFADQPIQIYEKIVSGKVRFPSHFSSDLKDLLRNLLQVDLTKRFGNLKNGVNDIKNHKWFATTDWIAIYQRKVEAPFIP
KFKGPGDTSNFDDYEEEEIRVSINEKCGKEFTEF
;
B
2 'polypeptide(L)'
;GNAAAAKKGSEQESVKEFLAKAKEDFLKKWETPSQNTAQLDQFDRIKTLGTGSFGRVMLVKHKESGNHYAMKILDKQKVV
KLKQIEHTLNEKRILQAVNFPFLVKLEFSFKDNSNLYMVMEYVAGGEMFSHLRRIGRFSEPHARFYAAQIVLTFEYLHSL
DLIYRDLKPENLLIDQQGYIQVTDFGFAKRVKGRTW(TPO)LCGTPEYLAPEIILSKGYNKAVDWWALGVLIYEMAAGYP
PFFADQPIQIYEKIVSGKVRFPSHFSSDLKDLLRNLLQVDLTKRFGNLKNGVNDIKNHKWFATTDWIAIYQRKVEAPFIP
KFKGPGDTSNFDDYEEEEIRV(SEP)INEKCGKEFTEF
;
D
3 'polypeptide(L)' VQYLTRSAIRRASTI I
#
loop_
_chem_comp.id
_chem_comp.type
_chem_comp.name
_chem_comp.formula
ANP non-polymer 'PHOSPHOAMINOPHOSPHONIC ACID-ADENYLATE ESTER' 'C10 H17 N6 O12 P3'
MG non-polymer 'MAGNESIUM ION' 'Mg 2'
PEG non-polymer DI(HYDROXYETHYL)ETHER 'C4 H10 O3'
#
# COMPACT_ATOMS: atom_id res chain seq x y z
N GLU A 17 -7.26 6.00 -39.66
CA GLU A 17 -8.52 6.47 -40.21
C GLU A 17 -9.64 6.40 -39.17
N PHE A 18 -9.74 5.24 -38.50
CA PHE A 18 -10.77 5.04 -37.49
C PHE A 18 -10.66 6.07 -36.37
N LEU A 19 -9.55 6.05 -35.65
CA LEU A 19 -9.29 7.03 -34.60
C LEU A 19 -9.67 8.43 -35.08
N ALA A 20 -9.27 8.74 -36.31
CA ALA A 20 -9.57 10.03 -36.91
C ALA A 20 -11.06 10.38 -36.78
N LYS A 21 -11.92 9.41 -37.10
CA LYS A 21 -13.36 9.61 -37.04
C LYS A 21 -13.86 9.55 -35.60
N ALA A 22 -13.26 8.67 -34.81
CA ALA A 22 -13.58 8.58 -33.39
C ALA A 22 -13.22 9.90 -32.69
N LYS A 23 -12.07 10.46 -33.06
CA LYS A 23 -11.63 11.74 -32.53
C LYS A 23 -12.55 12.87 -32.99
N GLU A 24 -13.33 12.58 -34.02
CA GLU A 24 -14.28 13.56 -34.56
C GLU A 24 -15.60 13.53 -33.79
N ASP A 25 -16.25 12.37 -33.76
CA ASP A 25 -17.54 12.23 -33.09
C ASP A 25 -17.43 12.50 -31.59
N PHE A 26 -16.28 12.19 -31.01
CA PHE A 26 -16.03 12.48 -29.61
C PHE A 26 -15.96 13.99 -29.39
N LEU A 27 -15.51 14.69 -30.43
CA LEU A 27 -15.42 16.14 -30.38
C LEU A 27 -16.80 16.76 -30.48
N LYS A 28 -17.57 16.32 -31.47
CA LYS A 28 -18.93 16.79 -31.67
C LYS A 28 -19.76 16.69 -30.39
N LYS A 29 -19.66 15.55 -29.72
CA LYS A 29 -20.41 15.32 -28.48
C LYS A 29 -19.84 16.13 -27.32
N TRP A 30 -18.51 16.26 -27.28
CA TRP A 30 -17.83 16.94 -26.19
C TRP A 30 -18.14 18.44 -26.16
N GLU A 31 -18.79 18.93 -27.21
CA GLU A 31 -19.11 20.34 -27.34
C GLU A 31 -20.58 20.56 -27.72
N THR A 32 -21.43 19.60 -27.35
CA THR A 32 -22.86 19.70 -27.60
C THR A 32 -23.58 18.59 -26.84
N PRO A 33 -23.38 18.53 -25.52
CA PRO A 33 -23.78 17.42 -24.64
C PRO A 33 -25.28 17.31 -24.39
N SER A 34 -25.65 16.35 -23.55
CA SER A 34 -27.06 16.13 -23.18
C SER A 34 -27.21 16.13 -21.66
N GLN A 35 -28.22 16.86 -21.19
CA GLN A 35 -28.48 16.96 -19.75
C GLN A 35 -29.97 16.89 -19.39
N ASN A 36 -30.29 16.12 -18.36
CA ASN A 36 -31.66 16.00 -17.85
C ASN A 36 -32.63 15.34 -18.83
N THR A 37 -32.26 14.18 -19.34
CA THR A 37 -33.12 13.44 -20.28
C THR A 37 -33.97 12.40 -19.57
N ALA A 38 -34.25 12.64 -18.30
CA ALA A 38 -35.06 11.71 -17.50
C ALA A 38 -35.44 12.29 -16.13
N GLN A 39 -36.19 11.52 -15.34
CA GLN A 39 -36.64 11.97 -14.03
C GLN A 39 -36.86 10.81 -13.06
N LEU A 40 -36.57 11.04 -11.78
CA LEU A 40 -36.58 10.00 -10.76
C LEU A 40 -37.82 9.11 -10.79
N ASP A 41 -38.97 9.70 -11.09
CA ASP A 41 -40.24 9.00 -11.05
C ASP A 41 -40.50 8.21 -12.34
N GLN A 42 -39.44 7.76 -12.99
CA GLN A 42 -39.56 6.96 -14.21
C GLN A 42 -38.87 5.61 -14.06
N PHE A 43 -38.52 5.27 -12.81
CA PHE A 43 -37.88 4.01 -12.50
C PHE A 43 -38.27 3.58 -11.10
N ASP A 44 -38.41 2.27 -10.89
CA ASP A 44 -38.64 1.72 -9.56
C ASP A 44 -37.33 1.15 -9.00
N ARG A 45 -36.63 1.98 -8.23
CA ARG A 45 -35.33 1.60 -7.65
C ARG A 45 -35.38 0.24 -6.97
N ILE A 46 -34.93 -0.80 -7.67
CA ILE A 46 -35.02 -2.17 -7.16
C ILE A 46 -33.98 -2.49 -6.06
N LYS A 47 -32.70 -2.50 -6.40
CA LYS A 47 -31.67 -2.82 -5.39
C LYS A 47 -30.36 -1.99 -5.48
N THR A 48 -29.56 -2.02 -4.41
CA THR A 48 -28.25 -1.39 -4.42
C THR A 48 -27.22 -2.33 -4.99
N LEU A 49 -26.40 -1.81 -5.91
CA LEU A 49 -25.45 -2.62 -6.65
C LEU A 49 -24.03 -2.50 -6.13
N GLY A 50 -23.66 -1.30 -5.70
CA GLY A 50 -22.29 -1.04 -5.31
C GLY A 50 -22.07 0.19 -4.46
N THR A 51 -20.87 0.27 -3.88
CA THR A 51 -20.56 1.29 -2.90
C THR A 51 -19.05 1.43 -2.68
N GLY A 55 -20.34 6.71 -2.34
CA GLY A 55 -21.49 6.83 -3.21
C GLY A 55 -22.29 5.55 -3.34
N ARG A 56 -23.40 5.62 -4.07
CA ARG A 56 -24.26 4.45 -4.24
C ARG A 56 -24.72 4.26 -5.70
N VAL A 57 -24.75 3.01 -6.15
CA VAL A 57 -25.29 2.67 -7.45
C VAL A 57 -26.45 1.68 -7.32
N MET A 58 -27.59 2.00 -7.94
CA MET A 58 -28.75 1.13 -7.84
C MET A 58 -29.21 0.55 -9.17
N LEU A 59 -29.55 -0.74 -9.16
CA LEU A 59 -30.31 -1.34 -10.24
C LEU A 59 -31.67 -0.64 -10.30
N VAL A 60 -31.98 -0.06 -11.46
CA VAL A 60 -33.27 0.56 -11.68
C VAL A 60 -33.96 -0.11 -12.86
N LYS A 61 -35.29 -0.02 -12.91
CA LYS A 61 -36.05 -0.47 -14.08
C LYS A 61 -36.97 0.67 -14.51
N HIS A 62 -36.82 1.12 -15.75
CA HIS A 62 -37.65 2.23 -16.22
C HIS A 62 -39.12 1.83 -16.30
N LYS A 63 -39.99 2.73 -15.84
CA LYS A 63 -41.41 2.52 -15.95
C LYS A 63 -41.76 2.24 -17.41
N GLU A 64 -41.80 3.29 -18.22
CA GLU A 64 -42.16 3.17 -19.64
C GLU A 64 -41.37 2.08 -20.36
N SER A 65 -40.07 2.26 -20.50
CA SER A 65 -39.26 1.29 -21.24
C SER A 65 -39.30 -0.11 -20.64
N GLY A 66 -39.28 -0.19 -19.31
CA GLY A 66 -39.24 -1.48 -18.63
C GLY A 66 -37.86 -2.09 -18.63
N ASN A 67 -36.99 -1.58 -19.50
CA ASN A 67 -35.58 -1.94 -19.47
C ASN A 67 -34.92 -1.62 -18.13
N HIS A 68 -33.93 -2.42 -17.76
CA HIS A 68 -33.17 -2.18 -16.54
C HIS A 68 -31.93 -1.36 -16.85
N TYR A 69 -31.64 -0.41 -15.98
CA TYR A 69 -30.40 0.33 -16.06
C TYR A 69 -29.74 0.37 -14.68
N ALA A 70 -28.52 0.90 -14.62
CA ALA A 70 -27.89 1.13 -13.34
C ALA A 70 -27.86 2.63 -13.11
N MET A 71 -28.39 3.05 -11.97
CA MET A 71 -28.45 4.47 -11.65
C MET A 71 -27.45 4.86 -10.56
N LYS A 72 -26.42 5.59 -10.97
CA LYS A 72 -25.48 6.15 -10.02
C LYS A 72 -26.11 7.40 -9.40
N ILE A 73 -26.31 7.40 -8.09
CA ILE A 73 -26.91 8.55 -7.44
C ILE A 73 -25.85 9.26 -6.59
N LEU A 74 -25.53 10.49 -6.96
CA LEU A 74 -24.47 11.25 -6.31
C LEU A 74 -25.03 12.35 -5.43
N ASP A 75 -24.64 12.35 -4.16
CA ASP A 75 -25.18 13.32 -3.21
C ASP A 75 -24.54 14.70 -3.40
N LYS A 76 -25.32 15.65 -3.90
CA LYS A 76 -24.82 17.00 -4.19
C LYS A 76 -23.93 17.60 -3.09
N GLN A 77 -24.28 17.31 -1.83
CA GLN A 77 -23.64 17.97 -0.69
C GLN A 77 -22.35 17.32 -0.22
N LYS A 78 -22.26 15.99 -0.31
CA LYS A 78 -21.00 15.30 -0.02
C LYS A 78 -20.01 15.58 -1.14
N VAL A 79 -20.52 15.65 -2.37
CA VAL A 79 -19.71 16.00 -3.52
C VAL A 79 -19.00 17.31 -3.21
N VAL A 80 -19.78 18.32 -2.83
CA VAL A 80 -19.26 19.61 -2.45
C VAL A 80 -18.35 19.50 -1.25
N LYS A 81 -18.91 19.06 -0.13
CA LYS A 81 -18.14 18.94 1.11
C LYS A 81 -16.84 18.18 0.88
N LEU A 82 -16.82 17.35 -0.15
CA LEU A 82 -15.63 16.57 -0.49
C LEU A 82 -14.86 17.19 -1.65
N LYS A 83 -15.33 18.33 -2.14
CA LYS A 83 -14.66 19.07 -3.20
C LYS A 83 -14.45 18.20 -4.43
N GLN A 84 -15.54 17.75 -5.03
CA GLN A 84 -15.49 16.82 -6.15
C GLN A 84 -16.24 17.35 -7.37
N ILE A 85 -16.61 18.63 -7.32
CA ILE A 85 -17.48 19.19 -8.34
C ILE A 85 -16.91 19.07 -9.75
N GLU A 86 -15.66 19.48 -9.95
CA GLU A 86 -15.05 19.35 -11.27
C GLU A 86 -15.03 17.89 -11.67
N HIS A 87 -14.55 17.04 -10.77
CA HIS A 87 -14.40 15.62 -11.06
C HIS A 87 -15.70 14.96 -11.54
N THR A 88 -16.81 15.26 -10.86
CA THR A 88 -18.08 14.63 -11.16
C THR A 88 -18.75 15.27 -12.37
N LEU A 89 -18.75 16.59 -12.40
CA LEU A 89 -19.16 17.31 -13.61
C LEU A 89 -18.39 16.75 -14.78
N ASN A 90 -17.25 16.13 -14.47
CA ASN A 90 -16.35 15.67 -15.49
C ASN A 90 -16.68 14.27 -16.01
N GLU A 91 -16.65 13.26 -15.14
CA GLU A 91 -16.99 11.92 -15.60
C GLU A 91 -18.26 12.00 -16.45
N LYS A 92 -19.30 12.62 -15.89
CA LYS A 92 -20.54 12.87 -16.61
C LYS A 92 -20.29 13.47 -18.00
N ARG A 93 -19.52 14.54 -18.06
CA ARG A 93 -19.22 15.21 -19.32
C ARG A 93 -18.51 14.31 -20.34
N ILE A 94 -17.68 13.40 -19.83
CA ILE A 94 -16.83 12.59 -20.69
C ILE A 94 -17.54 11.31 -21.06
N LEU A 95 -18.19 10.72 -20.06
CA LEU A 95 -18.92 9.48 -20.24
C LEU A 95 -19.94 9.69 -21.37
N GLN A 96 -20.61 10.84 -21.30
CA GLN A 96 -21.67 11.17 -22.27
C GLN A 96 -21.12 11.46 -23.67
N ALA A 97 -19.82 11.63 -23.78
CA ALA A 97 -19.23 12.00 -25.07
C ALA A 97 -18.33 10.91 -25.66
N VAL A 98 -18.04 9.87 -24.89
CA VAL A 98 -17.22 8.78 -25.43
C VAL A 98 -18.10 7.74 -26.11
N ASN A 99 -17.48 7.02 -27.04
CA ASN A 99 -18.15 5.91 -27.70
C ASN A 99 -17.13 4.82 -28.03
N PHE A 100 -17.29 3.66 -27.41
CA PHE A 100 -16.35 2.57 -27.63
C PHE A 100 -16.96 1.28 -27.10
N PRO A 101 -16.63 0.15 -27.73
CA PRO A 101 -17.27 -1.13 -27.41
C PRO A 101 -17.13 -1.54 -25.94
N PHE A 102 -16.08 -1.10 -25.26
CA PHE A 102 -15.84 -1.55 -23.89
C PHE A 102 -16.03 -0.46 -22.86
N LEU A 103 -16.68 0.63 -23.25
CA LEU A 103 -17.01 1.72 -22.33
C LEU A 103 -18.50 1.74 -22.06
N VAL A 104 -18.88 1.56 -20.80
CA VAL A 104 -20.29 1.65 -20.41
C VAL A 104 -20.96 2.86 -21.05
N LYS A 105 -22.18 2.67 -21.54
CA LYS A 105 -22.92 3.75 -22.15
C LYS A 105 -23.74 4.50 -21.10
N LEU A 106 -23.58 5.82 -21.07
CA LEU A 106 -24.47 6.66 -20.28
C LEU A 106 -25.77 6.81 -21.05
N GLU A 107 -26.87 6.37 -20.46
CA GLU A 107 -28.14 6.37 -21.16
C GLU A 107 -28.96 7.60 -20.81
N PHE A 108 -28.76 8.14 -19.61
CA PHE A 108 -29.47 9.34 -19.18
C PHE A 108 -28.79 10.03 -17.99
N SER A 109 -29.29 11.21 -17.63
CA SER A 109 -28.74 12.02 -16.54
C SER A 109 -29.70 13.14 -16.14
N PHE A 110 -29.67 13.52 -14.87
CA PHE A 110 -30.52 14.58 -14.34
C PHE A 110 -30.31 14.73 -12.84
N LYS A 111 -30.71 15.87 -12.29
CA LYS A 111 -30.54 16.16 -10.87
C LYS A 111 -31.86 16.38 -10.14
N ASP A 112 -32.25 15.42 -9.31
CA ASP A 112 -33.50 15.53 -8.56
C ASP A 112 -33.36 16.51 -7.40
N ASN A 113 -32.71 17.63 -7.66
CA ASN A 113 -32.67 18.77 -6.74
C ASN A 113 -31.99 18.54 -5.40
N SER A 114 -31.36 17.37 -5.22
CA SER A 114 -30.62 17.13 -3.98
C SER A 114 -29.43 16.20 -4.21
N ASN A 115 -29.38 15.61 -5.40
CA ASN A 115 -28.26 14.75 -5.76
C ASN A 115 -28.25 14.42 -7.25
N LEU A 116 -27.04 14.28 -7.81
CA LEU A 116 -26.90 14.00 -9.24
C LEU A 116 -27.29 12.57 -9.55
N TYR A 117 -27.80 12.36 -10.76
CA TYR A 117 -28.16 11.02 -11.20
C TYR A 117 -27.60 10.71 -12.57
N MET A 118 -26.75 9.70 -12.65
CA MET A 118 -26.30 9.19 -13.94
C MET A 118 -26.90 7.83 -14.16
N VAL A 119 -27.58 7.66 -15.29
CA VAL A 119 -28.14 6.36 -15.64
C VAL A 119 -27.36 5.74 -16.78
N MET A 120 -26.88 4.52 -16.55
CA MET A 120 -26.01 3.86 -17.51
C MET A 120 -26.59 2.47 -17.80
N GLU A 121 -26.18 1.88 -18.91
CA GLU A 121 -26.49 0.49 -19.18
C GLU A 121 -26.14 -0.31 -17.93
N TYR A 122 -26.98 -1.28 -17.60
CA TYR A 122 -26.70 -2.22 -16.54
C TYR A 122 -25.79 -3.32 -17.08
N VAL A 123 -24.74 -3.64 -16.35
CA VAL A 123 -23.79 -4.67 -16.79
C VAL A 123 -23.79 -5.77 -15.73
N ALA A 124 -24.60 -6.80 -15.97
CA ALA A 124 -25.07 -7.68 -14.90
C ALA A 124 -24.06 -8.72 -14.42
N GLY A 125 -22.95 -8.81 -15.14
CA GLY A 125 -21.90 -9.77 -14.81
C GLY A 125 -21.12 -9.52 -13.53
N GLY A 126 -21.11 -8.29 -13.04
CA GLY A 126 -20.40 -7.96 -11.80
C GLY A 126 -18.99 -7.41 -12.00
N GLU A 127 -18.37 -6.97 -10.92
CA GLU A 127 -16.97 -6.53 -10.97
C GLU A 127 -16.10 -7.71 -11.35
N MET A 128 -15.08 -7.46 -12.16
CA MET A 128 -13.99 -8.42 -12.31
C MET A 128 -13.44 -8.80 -10.93
N PHE A 129 -13.44 -7.83 -10.03
CA PHE A 129 -12.90 -8.02 -8.69
C PHE A 129 -13.40 -9.29 -8.01
N SER A 130 -14.72 -9.42 -7.87
CA SER A 130 -15.34 -10.56 -7.18
C SER A 130 -15.04 -11.91 -7.83
N HIS A 131 -15.01 -11.94 -9.16
CA HIS A 131 -14.64 -13.15 -9.87
C HIS A 131 -13.17 -13.53 -9.67
N LEU A 132 -12.30 -12.51 -9.65
CA LEU A 132 -10.87 -12.74 -9.42
C LEU A 132 -10.60 -13.24 -8.02
N ARG A 133 -11.16 -12.58 -7.02
CA ARG A 133 -11.06 -13.03 -5.64
C ARG A 133 -11.67 -14.43 -5.42
N ARG A 134 -12.86 -14.65 -5.98
CA ARG A 134 -13.53 -15.94 -5.84
C ARG A 134 -12.65 -17.06 -6.38
N ILE A 135 -12.18 -16.86 -7.60
CA ILE A 135 -11.35 -17.83 -8.30
C ILE A 135 -9.89 -17.82 -7.79
N GLY A 136 -9.39 -16.65 -7.45
CA GLY A 136 -8.03 -16.52 -6.97
C GLY A 136 -7.17 -15.85 -8.02
N ARG A 137 -7.07 -16.49 -9.18
CA ARG A 137 -6.31 -15.93 -10.29
C ARG A 137 -6.78 -16.52 -11.61
N PHE A 138 -6.69 -15.73 -12.67
CA PHE A 138 -7.03 -16.21 -14.00
C PHE A 138 -5.80 -16.82 -14.65
N SER A 139 -6.04 -17.68 -15.63
CA SER A 139 -4.95 -18.19 -16.43
C SER A 139 -4.43 -17.04 -17.29
N GLU A 140 -3.22 -17.17 -17.79
CA GLU A 140 -2.67 -16.12 -18.63
C GLU A 140 -3.51 -15.87 -19.88
N PRO A 141 -4.08 -16.93 -20.48
CA PRO A 141 -4.94 -16.68 -21.66
C PRO A 141 -6.21 -15.92 -21.28
N HIS A 142 -6.81 -16.27 -20.16
CA HIS A 142 -7.93 -15.52 -19.60
C HIS A 142 -7.53 -14.06 -19.34
N ALA A 143 -6.43 -13.86 -18.63
CA ALA A 143 -5.93 -12.52 -18.33
C ALA A 143 -5.62 -11.69 -19.61
N ARG A 144 -5.00 -12.34 -20.59
CA ARG A 144 -4.67 -11.73 -21.87
C ARG A 144 -5.92 -11.23 -22.58
N PHE A 145 -7.00 -11.99 -22.46
CA PHE A 145 -8.26 -11.62 -23.06
C PHE A 145 -8.76 -10.26 -22.58
N TYR A 146 -8.75 -10.06 -21.27
CA TYR A 146 -9.13 -8.78 -20.69
C TYR A 146 -8.11 -7.68 -21.01
N ALA A 147 -6.82 -7.99 -20.87
CA ALA A 147 -5.76 -7.02 -21.09
C ALA A 147 -5.89 -6.34 -22.47
N ALA A 148 -6.07 -7.15 -23.51
CA ALA A 148 -6.23 -6.64 -24.87
C ALA A 148 -7.35 -5.60 -24.99
N GLN A 149 -8.41 -5.79 -24.23
CA GLN A 149 -9.55 -4.89 -24.29
C GLN A 149 -9.24 -3.54 -23.68
N ILE A 150 -8.51 -3.56 -22.57
CA ILE A 150 -8.08 -2.33 -21.93
C ILE A 150 -7.02 -1.63 -22.76
N VAL A 151 -6.17 -2.41 -23.40
CA VAL A 151 -5.11 -1.87 -24.25
C VAL A 151 -5.73 -1.05 -25.36
N LEU A 152 -6.84 -1.55 -25.90
CA LEU A 152 -7.54 -0.86 -26.98
C LEU A 152 -8.34 0.31 -26.43
N THR A 153 -8.91 0.15 -25.25
CA THR A 153 -9.73 1.19 -24.66
C THR A 153 -8.87 2.40 -24.34
N PHE A 154 -7.64 2.14 -23.88
CA PHE A 154 -6.67 3.20 -23.61
C PHE A 154 -6.21 3.91 -24.88
N GLU A 155 -5.90 3.14 -25.91
CA GLU A 155 -5.53 3.73 -27.19
C GLU A 155 -6.62 4.70 -27.61
N TYR A 156 -7.85 4.20 -27.64
CA TYR A 156 -8.99 5.05 -27.87
C TYR A 156 -8.85 6.31 -27.03
N LEU A 157 -8.91 6.14 -25.71
CA LEU A 157 -8.97 7.25 -24.77
C LEU A 157 -7.79 8.22 -24.86
N HIS A 158 -6.57 7.69 -24.97
CA HIS A 158 -5.39 8.54 -25.11
C HIS A 158 -5.46 9.37 -26.39
N SER A 159 -6.03 8.78 -27.43
CA SER A 159 -6.12 9.46 -28.72
C SER A 159 -6.99 10.70 -28.59
N LEU A 160 -7.94 10.68 -27.65
CA LEU A 160 -8.74 11.85 -27.34
C LEU A 160 -8.00 12.72 -26.31
N ASP A 161 -6.76 12.35 -26.03
CA ASP A 161 -5.94 13.02 -25.03
C ASP A 161 -6.54 12.93 -23.62
N LEU A 162 -7.18 11.80 -23.34
CA LEU A 162 -7.76 11.56 -22.03
C LEU A 162 -6.90 10.62 -21.20
N ILE A 163 -6.83 10.88 -19.89
CA ILE A 163 -6.21 9.93 -18.98
C ILE A 163 -7.30 9.37 -18.08
N TYR A 164 -7.31 8.05 -17.91
CA TYR A 164 -8.41 7.42 -17.17
C TYR A 164 -8.18 7.44 -15.66
N ARG A 165 -7.03 6.94 -15.24
CA ARG A 165 -6.53 7.11 -13.87
C ARG A 165 -7.31 6.38 -12.77
N ASP A 166 -8.00 5.29 -13.11
CA ASP A 166 -8.71 4.55 -12.07
C ASP A 166 -8.86 3.09 -12.47
N LEU A 167 -7.89 2.62 -13.25
CA LEU A 167 -7.80 1.22 -13.59
C LEU A 167 -7.69 0.33 -12.36
N LYS A 168 -8.52 -0.72 -12.32
CA LYS A 168 -8.53 -1.73 -11.25
C LYS A 168 -9.76 -2.63 -11.38
N PRO A 169 -9.65 -3.88 -10.90
CA PRO A 169 -10.68 -4.92 -11.01
C PRO A 169 -12.08 -4.48 -10.57
N GLU A 170 -12.20 -3.71 -9.50
CA GLU A 170 -13.50 -3.30 -9.02
C GLU A 170 -14.17 -2.24 -9.90
N ASN A 171 -13.48 -1.81 -10.95
CA ASN A 171 -13.99 -0.78 -11.84
C ASN A 171 -14.22 -1.32 -13.25
N LEU A 172 -13.86 -2.58 -13.45
CA LEU A 172 -14.09 -3.24 -14.72
C LEU A 172 -15.20 -4.28 -14.58
N ILE A 173 -16.38 -3.98 -15.13
CA ILE A 173 -17.49 -4.92 -15.04
C ILE A 173 -17.46 -5.93 -16.20
N ILE A 174 -17.92 -7.15 -15.94
CA ILE A 174 -18.04 -8.15 -16.99
C ILE A 174 -19.44 -8.18 -17.59
N ASP A 175 -19.59 -7.85 -18.86
CA ASP A 175 -20.91 -7.90 -19.48
C ASP A 175 -21.32 -9.34 -19.82
N GLN A 176 -22.57 -9.51 -20.27
CA GLN A 176 -23.14 -10.84 -20.49
C GLN A 176 -22.29 -11.75 -21.37
N GLN A 177 -21.62 -11.19 -22.37
CA GLN A 177 -20.75 -11.99 -23.23
C GLN A 177 -19.38 -12.26 -22.62
N GLY A 178 -19.14 -11.70 -21.43
CA GLY A 178 -17.86 -11.84 -20.75
C GLY A 178 -16.82 -10.84 -21.24
N TYR A 179 -17.30 -9.74 -21.83
CA TYR A 179 -16.46 -8.63 -22.25
C TYR A 179 -16.48 -7.51 -21.21
N ILE A 180 -15.34 -6.84 -21.07
CA ILE A 180 -15.15 -5.78 -20.08
C ILE A 180 -15.93 -4.51 -20.41
N GLN A 181 -16.50 -3.93 -19.36
CA GLN A 181 -17.16 -2.65 -19.46
C GLN A 181 -16.59 -1.76 -18.37
N VAL A 182 -16.02 -0.64 -18.77
CA VAL A 182 -15.41 0.29 -17.83
C VAL A 182 -16.42 1.28 -17.26
N THR A 183 -16.57 1.27 -15.93
CA THR A 183 -17.27 2.33 -15.20
C THR A 183 -16.28 3.19 -14.41
N ASP A 184 -16.80 4.07 -13.56
CA ASP A 184 -16.00 4.92 -12.68
C ASP A 184 -15.03 5.78 -13.48
N PHE A 185 -15.56 6.80 -14.13
CA PHE A 185 -14.76 7.80 -14.81
C PHE A 185 -14.54 8.97 -13.87
N GLY A 186 -14.68 8.69 -12.58
CA GLY A 186 -14.56 9.70 -11.55
C GLY A 186 -13.34 10.59 -11.68
N PHE A 187 -12.23 10.03 -12.15
CA PHE A 187 -10.93 10.73 -12.19
C PHE A 187 -10.39 11.02 -13.58
N ALA A 188 -11.14 10.68 -14.63
CA ALA A 188 -10.63 10.92 -15.98
C ALA A 188 -10.57 12.42 -16.32
N LYS A 189 -9.44 12.87 -16.87
CA LYS A 189 -9.34 14.26 -17.28
C LYS A 189 -8.81 14.33 -18.68
N ARG A 190 -9.16 15.39 -19.40
CA ARG A 190 -8.57 15.65 -20.70
C ARG A 190 -7.25 16.37 -20.49
N VAL A 191 -6.15 15.73 -20.89
CA VAL A 191 -4.84 16.31 -20.69
C VAL A 191 -3.90 16.18 -21.88
N LYS A 192 -3.97 17.15 -22.77
CA LYS A 192 -2.86 17.37 -23.67
C LYS A 192 -1.82 17.95 -22.74
N GLY A 193 -0.68 17.29 -22.61
CA GLY A 193 0.37 17.81 -21.76
C GLY A 193 0.60 17.05 -20.47
N ARG A 194 0.25 17.68 -19.34
CA ARG A 194 0.69 17.23 -18.03
C ARG A 194 -0.38 17.52 -16.97
N THR A 195 -0.35 16.77 -15.87
CA THR A 195 -1.25 17.04 -14.73
C THR A 195 -0.61 16.59 -13.42
N TRP A 196 -1.23 16.96 -12.31
CA TRP A 196 -0.57 16.89 -11.00
C TRP A 196 -1.50 16.34 -9.93
N TPO A 197 -2.79 16.30 -10.22
CA TPO A 197 -3.78 15.87 -9.24
CB TPO A 197 -5.20 15.91 -9.71
CG2 TPO A 197 -6.13 15.64 -8.54
OG1 TPO A 197 -5.48 17.20 -10.24
P TPO A 197 -6.23 17.34 -11.67
O1P TPO A 197 -5.99 18.78 -12.11
O2P TPO A 197 -5.51 16.34 -12.55
O3P TPO A 197 -7.68 16.98 -11.41
C TPO A 197 -3.40 14.48 -8.72
O TPO A 197 -3.05 13.59 -9.49
N LEU A 198 -3.43 14.29 -7.40
CA LEU A 198 -3.15 12.96 -6.85
C LEU A 198 -4.44 12.23 -6.55
N CYS A 199 -4.82 11.36 -7.47
CA CYS A 199 -5.99 10.52 -7.30
C CYS A 199 -5.63 9.17 -7.86
N GLY A 200 -6.57 8.24 -7.77
CA GLY A 200 -6.35 6.91 -8.27
C GLY A 200 -6.59 6.02 -7.09
N THR A 201 -6.02 4.83 -7.13
CA THR A 201 -6.10 3.95 -5.99
C THR A 201 -4.71 3.35 -5.75
N PRO A 202 -4.23 3.46 -4.49
CA PRO A 202 -2.84 3.26 -4.05
C PRO A 202 -2.08 2.16 -4.79
N GLU A 203 -2.64 0.95 -4.84
CA GLU A 203 -1.92 -0.20 -5.42
C GLU A 203 -1.65 -0.05 -6.92
N TYR A 204 -2.30 0.93 -7.54
CA TYR A 204 -2.18 1.11 -8.99
C TYR A 204 -1.43 2.39 -9.41
N LEU A 205 -1.09 3.23 -8.43
CA LEU A 205 -0.41 4.49 -8.71
C LEU A 205 1.00 4.29 -9.24
N ALA A 206 1.34 5.00 -10.31
CA ALA A 206 2.71 5.01 -10.81
C ALA A 206 3.60 5.89 -9.91
N PRO A 207 4.92 5.67 -9.96
CA PRO A 207 5.81 6.50 -9.13
C PRO A 207 5.61 8.00 -9.38
N GLU A 208 5.42 8.42 -10.62
CA GLU A 208 5.32 9.85 -10.92
C GLU A 208 4.21 10.54 -10.17
N ILE A 209 3.07 9.88 -10.04
CA ILE A 209 1.92 10.50 -9.39
C ILE A 209 2.07 10.55 -7.87
N ILE A 210 2.79 9.59 -7.29
CA ILE A 210 3.09 9.64 -5.86
C ILE A 210 4.08 10.75 -5.58
N ILE A 211 4.99 10.94 -6.53
CA ILE A 211 6.24 11.62 -6.32
C ILE A 211 6.16 13.12 -6.66
N SER A 212 5.05 13.53 -7.27
CA SER A 212 4.70 14.95 -7.41
C SER A 212 5.58 15.86 -8.32
N LYS A 213 6.29 15.28 -9.27
CA LYS A 213 6.95 16.11 -10.28
C LYS A 213 6.12 16.13 -11.57
N GLY A 214 4.81 15.96 -11.44
CA GLY A 214 3.90 15.98 -12.58
C GLY A 214 3.99 14.75 -13.46
N TYR A 215 2.90 14.45 -14.16
CA TYR A 215 2.82 13.21 -14.95
C TYR A 215 1.82 13.27 -16.10
N ASN A 216 1.84 12.25 -16.96
CA ASN A 216 0.95 12.19 -18.11
C ASN A 216 0.27 10.83 -18.32
N LYS A 217 -0.28 10.62 -19.51
CA LYS A 217 -1.08 9.42 -19.79
C LYS A 217 -0.29 8.13 -19.66
N ALA A 218 1.02 8.25 -19.48
CA ALA A 218 1.89 7.08 -19.39
C ALA A 218 1.62 6.40 -18.06
N VAL A 219 0.86 7.10 -17.23
CA VAL A 219 0.45 6.60 -15.94
C VAL A 219 -0.56 5.41 -16.08
N ASP A 220 -1.33 5.39 -17.16
CA ASP A 220 -2.26 4.29 -17.42
C ASP A 220 -1.57 2.99 -17.83
N TRP A 221 -0.50 3.10 -18.62
CA TRP A 221 0.21 1.91 -19.05
C TRP A 221 0.88 1.21 -17.88
N TRP A 222 1.32 1.99 -16.90
CA TRP A 222 1.86 1.44 -15.67
C TRP A 222 0.75 0.71 -14.91
N ALA A 223 -0.43 1.32 -14.88
CA ALA A 223 -1.57 0.75 -14.19
C ALA A 223 -1.95 -0.57 -14.84
N LEU A 224 -1.93 -0.59 -16.17
CA LEU A 224 -2.12 -1.80 -16.93
C LEU A 224 -1.18 -2.93 -16.48
N GLY A 225 0.08 -2.58 -16.25
CA GLY A 225 1.04 -3.55 -15.74
C GLY A 225 0.62 -4.09 -14.40
N VAL A 226 -0.03 -3.24 -13.61
CA VAL A 226 -0.47 -3.65 -12.29
C VAL A 226 -1.67 -4.58 -12.39
N LEU A 227 -2.56 -4.27 -13.33
CA LEU A 227 -3.78 -5.01 -13.50
C LEU A 227 -3.47 -6.38 -14.05
N ILE A 228 -2.63 -6.42 -15.08
CA ILE A 228 -2.24 -7.66 -15.70
C ILE A 228 -1.61 -8.59 -14.68
N TYR A 229 -0.65 -8.06 -13.94
CA TYR A 229 -0.02 -8.78 -12.86
C TYR A 229 -1.06 -9.29 -11.86
N GLU A 230 -1.93 -8.42 -11.38
CA GLU A 230 -2.92 -8.85 -10.40
C GLU A 230 -3.86 -9.93 -10.95
N MET A 231 -4.19 -9.83 -12.22
CA MET A 231 -5.02 -10.84 -12.85
C MET A 231 -4.33 -12.20 -12.89
N ALA A 232 -3.09 -12.21 -13.34
CA ALA A 232 -2.34 -13.45 -13.47
C ALA A 232 -2.01 -14.04 -12.11
N ALA A 233 -1.61 -13.17 -11.19
CA ALA A 233 -1.15 -13.60 -9.86
C ALA A 233 -2.28 -13.79 -8.87
N GLY A 234 -3.19 -12.82 -8.79
CA GLY A 234 -4.21 -12.84 -7.76
C GLY A 234 -4.04 -11.73 -6.74
N TYR A 235 -2.85 -11.14 -6.73
CA TYR A 235 -2.56 -9.98 -5.89
C TYR A 235 -1.79 -9.05 -6.80
N PRO A 236 -1.66 -7.78 -6.40
CA PRO A 236 -0.93 -6.78 -7.18
C PRO A 236 0.55 -6.69 -6.75
N PRO A 237 1.40 -6.17 -7.64
CA PRO A 237 2.86 -6.22 -7.45
C PRO A 237 3.32 -5.50 -6.18
N PHE A 238 2.64 -4.43 -5.79
CA PHE A 238 3.05 -3.63 -4.63
C PHE A 238 1.96 -3.66 -3.59
N PHE A 239 2.15 -4.49 -2.57
CA PHE A 239 1.05 -4.82 -1.65
C PHE A 239 1.32 -4.52 -0.16
N ALA A 240 0.33 -3.93 0.51
CA ALA A 240 0.37 -3.70 1.94
C ALA A 240 -1.01 -3.27 2.42
N ASP A 241 -1.20 -3.21 3.74
CA ASP A 241 -2.50 -2.86 4.29
C ASP A 241 -2.64 -1.38 4.63
N GLN A 242 -1.65 -0.60 4.21
CA GLN A 242 -1.68 0.84 4.41
C GLN A 242 -1.08 1.49 3.18
N PRO A 243 -1.72 2.57 2.69
CA PRO A 243 -1.32 3.22 1.43
C PRO A 243 0.14 3.66 1.45
N ILE A 244 0.57 4.24 2.56
CA ILE A 244 1.93 4.74 2.62
C ILE A 244 2.95 3.61 2.40
N GLN A 245 2.74 2.46 3.05
CA GLN A 245 3.58 1.30 2.80
C GLN A 245 3.57 0.90 1.33
N ILE A 246 2.40 0.93 0.70
CA ILE A 246 2.28 0.65 -0.73
C ILE A 246 3.11 1.66 -1.55
N TYR A 247 3.07 2.93 -1.17
CA TYR A 247 3.83 3.96 -1.87
C TYR A 247 5.33 3.69 -1.82
N GLU A 248 5.81 3.31 -0.64
CA GLU A 248 7.21 2.97 -0.47
C GLU A 248 7.60 1.81 -1.39
N LYS A 249 6.72 0.82 -1.51
CA LYS A 249 7.02 -0.33 -2.35
C LYS A 249 7.01 0.05 -3.81
N ILE A 250 6.13 0.99 -4.17
CA ILE A 250 6.04 1.47 -5.55
C ILE A 250 7.28 2.27 -5.93
N VAL A 251 7.71 3.17 -5.04
CA VAL A 251 8.89 3.97 -5.28
C VAL A 251 10.12 3.06 -5.34
N SER A 252 10.19 2.07 -4.46
CA SER A 252 11.25 1.07 -4.58
C SER A 252 11.26 0.62 -6.03
N GLY A 253 10.06 0.34 -6.55
CA GLY A 253 9.87 -0.05 -7.93
C GLY A 253 10.28 -1.49 -8.17
N LYS A 254 10.59 -2.18 -7.07
CA LYS A 254 11.11 -3.53 -7.12
C LYS A 254 9.98 -4.55 -7.18
N VAL A 255 10.07 -5.50 -8.10
CA VAL A 255 9.01 -6.47 -8.29
C VAL A 255 9.47 -7.93 -8.27
N ARG A 256 8.76 -8.77 -7.51
CA ARG A 256 8.93 -10.22 -7.57
C ARG A 256 7.75 -10.87 -8.29
N PHE A 257 8.04 -11.81 -9.19
CA PHE A 257 7.02 -12.48 -9.98
C PHE A 257 6.82 -13.90 -9.46
N PRO A 258 5.58 -14.40 -9.56
CA PRO A 258 5.36 -15.82 -9.23
C PRO A 258 6.14 -16.70 -10.19
N SER A 259 6.56 -17.88 -9.74
CA SER A 259 7.26 -18.82 -10.59
C SER A 259 6.38 -19.33 -11.73
N HIS A 260 5.06 -19.34 -11.52
CA HIS A 260 4.16 -19.83 -12.56
C HIS A 260 3.98 -18.88 -13.74
N PHE A 261 4.46 -17.64 -13.60
CA PHE A 261 4.41 -16.65 -14.66
C PHE A 261 5.26 -17.09 -15.85
N SER A 262 4.71 -16.98 -17.05
CA SER A 262 5.47 -17.29 -18.25
C SER A 262 6.56 -16.23 -18.45
N SER A 263 7.63 -16.59 -19.16
CA SER A 263 8.75 -15.68 -19.40
C SER A 263 8.33 -14.46 -20.21
N ASP A 264 7.48 -14.69 -21.20
CA ASP A 264 6.93 -13.59 -21.99
C ASP A 264 6.05 -12.69 -21.14
N LEU A 265 5.36 -13.28 -20.16
CA LEU A 265 4.59 -12.46 -19.23
C LEU A 265 5.55 -11.60 -18.42
N LYS A 266 6.47 -12.26 -17.72
CA LYS A 266 7.55 -11.58 -17.00
C LYS A 266 8.17 -10.42 -17.79
N ASP A 267 8.45 -10.65 -19.08
CA ASP A 267 9.01 -9.59 -19.91
C ASP A 267 8.13 -8.35 -19.93
N LEU A 268 6.91 -8.51 -20.43
CA LEU A 268 5.94 -7.42 -20.56
C LEU A 268 5.84 -6.54 -19.31
N LEU A 269 5.66 -7.15 -18.14
CA LEU A 269 5.49 -6.38 -16.91
C LEU A 269 6.73 -5.55 -16.59
N ARG A 270 7.91 -6.06 -16.92
CA ARG A 270 9.12 -5.29 -16.70
C ARG A 270 9.11 -4.01 -17.53
N ASN A 271 8.55 -4.10 -18.74
CA ASN A 271 8.47 -2.94 -19.62
C ASN A 271 7.33 -2.00 -19.29
N LEU A 272 6.26 -2.54 -18.71
CA LEU A 272 5.12 -1.74 -18.27
C LEU A 272 5.36 -1.09 -16.91
N LEU A 273 5.93 -1.85 -15.99
CA LEU A 273 6.23 -1.32 -14.66
C LEU A 273 7.64 -0.75 -14.66
N GLN A 274 7.90 0.14 -15.62
CA GLN A 274 9.14 0.89 -15.72
C GLN A 274 8.96 2.24 -15.06
N VAL A 275 9.76 2.51 -14.03
CA VAL A 275 9.82 3.83 -13.41
C VAL A 275 10.23 4.87 -14.43
N ASP A 276 11.06 4.43 -15.38
CA ASP A 276 11.71 5.30 -16.33
C ASP A 276 10.82 5.58 -17.53
N LEU A 277 10.23 6.77 -17.55
CA LEU A 277 9.32 7.17 -18.62
C LEU A 277 9.94 7.03 -19.99
N THR A 278 11.26 6.84 -20.03
CA THR A 278 11.97 6.78 -21.30
C THR A 278 11.95 5.38 -21.88
N LYS A 279 11.68 4.38 -21.04
CA LYS A 279 11.61 3.00 -21.52
C LYS A 279 10.36 2.23 -21.08
N ARG A 280 9.32 2.97 -20.71
CA ARG A 280 8.04 2.39 -20.37
C ARG A 280 7.25 2.11 -21.64
N PHE A 281 6.84 0.86 -21.83
CA PHE A 281 6.04 0.49 -23.00
C PHE A 281 4.76 1.31 -23.11
N GLY A 282 4.45 1.74 -24.32
CA GLY A 282 3.27 2.56 -24.55
C GLY A 282 3.59 4.05 -24.52
N ASN A 283 4.71 4.38 -23.89
CA ASN A 283 5.17 5.77 -23.81
C ASN A 283 6.45 6.00 -24.63
N LEU A 284 6.70 5.10 -25.58
CA LEU A 284 7.84 5.25 -26.47
C LEU A 284 7.38 5.59 -27.89
N LYS A 285 8.22 5.27 -28.87
CA LYS A 285 8.05 5.74 -30.23
C LYS A 285 6.90 5.06 -30.96
N ASN A 286 6.68 3.77 -30.67
CA ASN A 286 5.63 3.02 -31.33
C ASN A 286 4.33 2.94 -30.55
N GLY A 287 4.23 3.75 -29.50
CA GLY A 287 3.05 3.75 -28.64
C GLY A 287 2.64 2.35 -28.23
N VAL A 288 1.39 2.00 -28.49
CA VAL A 288 0.83 0.71 -28.13
C VAL A 288 1.44 -0.43 -28.91
N ASN A 289 1.94 -0.14 -30.10
CA ASN A 289 2.41 -1.21 -30.96
C ASN A 289 3.50 -2.02 -30.30
N ASP A 290 4.23 -1.40 -29.38
CA ASP A 290 5.23 -2.15 -28.63
C ASP A 290 4.54 -3.16 -27.73
N ILE A 291 3.41 -2.75 -27.16
CA ILE A 291 2.59 -3.66 -26.38
C ILE A 291 1.87 -4.66 -27.29
N LYS A 292 1.08 -4.13 -28.22
CA LYS A 292 0.38 -4.98 -29.19
C LYS A 292 1.31 -5.95 -29.92
N ASN A 293 2.56 -5.56 -30.13
CA ASN A 293 3.50 -6.40 -30.87
C ASN A 293 4.40 -7.28 -29.99
N HIS A 294 4.26 -7.16 -28.67
CA HIS A 294 5.07 -7.97 -27.76
C HIS A 294 4.71 -9.44 -27.85
N LYS A 295 5.62 -10.30 -27.42
CA LYS A 295 5.50 -11.74 -27.59
C LYS A 295 4.39 -12.35 -26.72
N TRP A 296 4.04 -11.67 -25.62
CA TRP A 296 2.94 -12.17 -24.80
C TRP A 296 1.62 -12.10 -25.56
N PHE A 297 1.52 -11.13 -26.45
CA PHE A 297 0.27 -10.86 -27.16
C PHE A 297 0.20 -11.52 -28.55
N ALA A 298 1.20 -12.33 -28.87
CA ALA A 298 1.30 -12.93 -30.19
C ALA A 298 0.00 -13.55 -30.66
N THR A 299 -0.71 -14.22 -29.75
CA THR A 299 -1.92 -14.96 -30.12
C THR A 299 -3.19 -14.11 -30.08
N THR A 300 -3.04 -12.80 -30.21
CA THR A 300 -4.19 -11.91 -30.07
C THR A 300 -4.55 -11.24 -31.40
N ASP A 301 -5.74 -11.56 -31.89
CA ASP A 301 -6.29 -10.87 -33.06
C ASP A 301 -6.98 -9.63 -32.56
N TRP A 302 -6.32 -8.48 -32.73
CA TRP A 302 -6.78 -7.23 -32.14
C TRP A 302 -8.06 -6.72 -32.78
N ILE A 303 -8.17 -6.84 -34.10
CA ILE A 303 -9.42 -6.48 -34.74
C ILE A 303 -10.55 -7.41 -34.27
N ALA A 304 -10.21 -8.66 -33.99
CA ALA A 304 -11.22 -9.63 -33.56
C ALA A 304 -11.76 -9.29 -32.18
N ILE A 305 -10.87 -8.91 -31.28
CA ILE A 305 -11.28 -8.46 -29.95
C ILE A 305 -12.09 -7.16 -30.02
N TYR A 306 -11.68 -6.21 -30.84
CA TYR A 306 -12.45 -4.99 -30.98
C TYR A 306 -13.89 -5.23 -31.44
N GLN A 307 -14.08 -6.22 -32.29
CA GLN A 307 -15.42 -6.52 -32.79
C GLN A 307 -16.15 -7.46 -31.85
N ARG A 308 -15.40 -8.01 -30.90
CA ARG A 308 -15.96 -8.95 -29.93
C ARG A 308 -16.40 -10.22 -30.66
N LYS A 309 -15.57 -10.68 -31.59
CA LYS A 309 -15.81 -11.94 -32.28
C LYS A 309 -14.84 -13.00 -31.76
N VAL A 310 -14.46 -12.86 -30.49
CA VAL A 310 -13.62 -13.82 -29.81
C VAL A 310 -14.46 -14.45 -28.72
N GLU A 311 -14.40 -15.77 -28.57
CA GLU A 311 -15.22 -16.40 -27.55
C GLU A 311 -14.58 -16.20 -26.19
N ALA A 312 -15.32 -15.56 -25.29
CA ALA A 312 -14.90 -15.32 -23.92
C ALA A 312 -14.60 -16.62 -23.21
N PRO A 313 -13.43 -16.71 -22.54
CA PRO A 313 -13.08 -17.91 -21.78
C PRO A 313 -13.97 -18.07 -20.55
N PHE A 314 -14.64 -16.99 -20.16
CA PHE A 314 -15.50 -17.02 -18.98
C PHE A 314 -16.75 -16.15 -19.15
N ILE A 315 -17.89 -16.69 -18.75
CA ILE A 315 -19.15 -15.97 -18.83
C ILE A 315 -19.82 -16.02 -17.47
N PRO A 316 -20.18 -14.85 -16.92
CA PRO A 316 -20.89 -14.83 -15.63
C PRO A 316 -22.28 -15.47 -15.78
N LYS A 317 -22.80 -16.02 -14.69
CA LYS A 317 -24.14 -16.62 -14.71
C LYS A 317 -25.22 -15.54 -14.59
N PHE A 318 -25.85 -15.22 -15.71
CA PHE A 318 -27.00 -14.33 -15.74
C PHE A 318 -28.25 -15.15 -16.04
N LYS A 319 -29.28 -15.00 -15.22
CA LYS A 319 -30.51 -15.75 -15.42
C LYS A 319 -31.50 -15.00 -16.32
N GLY A 320 -31.89 -13.81 -15.88
CA GLY A 320 -32.84 -13.02 -16.61
C GLY A 320 -32.91 -11.61 -16.09
N PRO A 321 -33.71 -10.76 -16.74
CA PRO A 321 -33.83 -9.34 -16.39
C PRO A 321 -33.92 -9.08 -14.88
N GLY A 322 -32.94 -8.39 -14.31
CA GLY A 322 -32.99 -8.00 -12.91
C GLY A 322 -32.30 -8.93 -11.92
N ASP A 323 -31.51 -9.86 -12.42
CA ASP A 323 -30.72 -10.71 -11.54
C ASP A 323 -29.50 -9.91 -11.06
N THR A 324 -29.28 -9.86 -9.76
CA THR A 324 -28.10 -9.18 -9.22
C THR A 324 -27.17 -10.15 -8.48
N SER A 325 -27.33 -11.44 -8.75
CA SER A 325 -26.55 -12.47 -8.05
C SER A 325 -25.04 -12.25 -8.19
N ASN A 326 -24.63 -11.57 -9.25
CA ASN A 326 -23.22 -11.31 -9.46
C ASN A 326 -22.69 -10.19 -8.55
N PHE A 327 -23.61 -9.43 -7.95
CA PHE A 327 -23.27 -8.38 -7.00
C PHE A 327 -23.50 -8.75 -5.54
N ASP A 328 -22.68 -8.18 -4.66
CA ASP A 328 -22.86 -8.34 -3.23
C ASP A 328 -24.12 -7.63 -2.77
N ASP A 329 -24.50 -7.88 -1.53
CA ASP A 329 -25.63 -7.19 -0.95
C ASP A 329 -25.13 -5.98 -0.17
N TYR A 330 -26.01 -5.01 -0.01
CA TYR A 330 -25.67 -3.76 0.66
C TYR A 330 -26.92 -3.22 1.34
N GLU A 331 -26.77 -2.49 2.43
CA GLU A 331 -27.93 -1.87 3.08
C GLU A 331 -28.58 -0.88 2.13
N GLU A 332 -29.91 -0.84 2.12
CA GLU A 332 -30.61 0.15 1.32
C GLU A 332 -31.13 1.28 2.18
N GLU A 333 -30.56 2.46 2.00
CA GLU A 333 -31.11 3.68 2.57
C GLU A 333 -32.05 4.29 1.54
N GLU A 334 -32.98 5.12 1.99
CA GLU A 334 -33.90 5.77 1.07
C GLU A 334 -33.24 7.02 0.48
N ILE A 335 -33.75 7.50 -0.65
CA ILE A 335 -33.19 8.65 -1.32
C ILE A 335 -34.23 9.76 -1.46
N ARG A 336 -34.16 10.77 -0.60
CA ARG A 336 -35.17 11.83 -0.57
C ARG A 336 -34.66 13.22 -0.96
N VAL A 337 -35.59 14.16 -1.02
CA VAL A 337 -35.31 15.54 -1.38
C VAL A 337 -35.75 16.46 -0.25
N SER A 338 -35.23 17.69 -0.22
CA SER A 338 -35.59 18.63 0.84
C SER A 338 -36.56 19.71 0.34
N CYS A 343 -26.94 22.89 -1.95
CA CYS A 343 -25.74 22.99 -2.77
C CYS A 343 -26.06 22.77 -4.25
N GLY A 344 -26.91 23.63 -4.80
CA GLY A 344 -27.35 23.49 -6.17
C GLY A 344 -26.63 24.38 -7.18
N LYS A 345 -26.36 25.62 -6.78
CA LYS A 345 -25.78 26.62 -7.67
C LYS A 345 -24.49 26.16 -8.39
N GLU A 346 -23.82 25.16 -7.82
CA GLU A 346 -22.50 24.78 -8.26
C GLU A 346 -22.47 23.78 -9.43
N PHE A 347 -23.62 23.24 -9.79
CA PHE A 347 -23.69 22.22 -10.83
C PHE A 347 -24.43 22.72 -12.06
N THR A 348 -24.48 24.04 -12.22
CA THR A 348 -25.26 24.68 -13.28
C THR A 348 -25.34 23.83 -14.55
N GLU A 349 -24.21 23.34 -15.03
CA GLU A 349 -24.16 22.64 -16.32
C GLU A 349 -24.19 21.11 -16.22
N PHE A 350 -24.49 20.59 -15.03
CA PHE A 350 -24.59 19.14 -14.84
C PHE A 350 -25.91 18.59 -15.39
N GLU B 13 14.61 -6.16 42.66
CA GLU B 13 15.13 -6.56 41.35
C GLU B 13 15.71 -5.36 40.62
N SER B 14 17.01 -5.40 40.37
CA SER B 14 17.68 -4.35 39.62
C SER B 14 16.95 -4.13 38.30
N VAL B 15 16.33 -5.19 37.79
CA VAL B 15 15.52 -5.11 36.57
C VAL B 15 14.39 -4.09 36.73
N LYS B 16 13.61 -4.26 37.80
CA LYS B 16 12.48 -3.36 38.06
C LYS B 16 12.95 -1.95 38.35
N GLU B 17 14.07 -1.83 39.06
CA GLU B 17 14.60 -0.52 39.45
C GLU B 17 15.06 0.27 38.24
N PHE B 18 15.76 -0.40 37.33
CA PHE B 18 16.33 0.27 36.14
C PHE B 18 15.28 0.74 35.15
N LEU B 19 14.14 0.04 35.09
CA LEU B 19 13.08 0.41 34.17
C LEU B 19 12.32 1.65 34.66
N ALA B 20 12.46 1.95 35.95
CA ALA B 20 11.81 3.11 36.53
C ALA B 20 12.63 4.37 36.29
N LYS B 21 13.94 4.28 36.51
CA LYS B 21 14.84 5.37 36.13
C LYS B 21 14.65 5.63 34.65
N ALA B 22 14.29 4.57 33.93
CA ALA B 22 14.10 4.65 32.48
C ALA B 22 12.77 5.28 32.15
N LYS B 23 11.71 4.84 32.82
CA LYS B 23 10.41 5.45 32.60
C LYS B 23 10.56 6.93 32.88
N GLU B 24 11.04 7.24 34.08
CA GLU B 24 11.27 8.61 34.50
C GLU B 24 11.85 9.44 33.36
N ASP B 25 13.03 9.06 32.90
CA ASP B 25 13.72 9.87 31.92
C ASP B 25 12.99 9.94 30.59
N PHE B 26 12.51 8.80 30.11
CA PHE B 26 11.66 8.80 28.93
C PHE B 26 10.58 9.86 29.07
N LEU B 27 9.99 9.93 30.26
CA LEU B 27 8.87 10.83 30.51
C LEU B 27 9.25 12.31 30.46
N LYS B 28 10.42 12.67 30.98
CA LYS B 28 10.88 14.04 30.89
C LYS B 28 10.83 14.47 29.42
N LYS B 29 11.67 13.83 28.61
CA LYS B 29 11.80 14.17 27.21
C LYS B 29 10.50 13.99 26.44
N TRP B 30 9.61 13.15 26.94
CA TRP B 30 8.32 12.96 26.27
C TRP B 30 7.41 14.19 26.41
N GLU B 31 7.41 14.79 27.60
CA GLU B 31 6.61 15.98 27.83
C GLU B 31 7.31 17.20 27.22
N THR B 32 8.64 17.18 27.21
CA THR B 32 9.44 18.30 26.74
C THR B 32 10.40 17.87 25.62
N PRO B 33 9.86 17.56 24.44
CA PRO B 33 10.72 17.10 23.35
C PRO B 33 11.79 18.12 22.91
N SER B 34 12.97 17.61 22.58
CA SER B 34 14.10 18.44 22.14
C SER B 34 14.01 18.80 20.66
N GLN B 35 14.00 20.10 20.37
CA GLN B 35 13.93 20.57 18.99
C GLN B 35 15.25 21.20 18.56
N ASN B 36 15.37 21.51 17.27
CA ASN B 36 16.57 22.09 16.67
C ASN B 36 17.88 21.89 17.44
N THR B 37 18.40 20.67 17.42
CA THR B 37 19.64 20.36 18.11
C THR B 37 20.84 20.48 17.14
N ALA B 38 20.56 20.92 15.92
CA ALA B 38 21.61 21.16 14.93
C ALA B 38 21.06 21.92 13.73
N GLN B 39 21.80 21.90 12.62
CA GLN B 39 21.40 22.62 11.42
C GLN B 39 22.15 22.07 10.21
N LEU B 40 21.65 22.36 9.01
CA LEU B 40 22.16 21.73 7.79
C LEU B 40 23.68 21.90 7.58
N ASP B 41 24.19 23.11 7.82
CA ASP B 41 25.56 23.46 7.45
C ASP B 41 26.62 22.81 8.34
N GLN B 42 26.18 22.10 9.36
CA GLN B 42 27.12 21.37 10.22
C GLN B 42 27.55 20.04 9.60
N PHE B 43 27.02 19.72 8.42
CA PHE B 43 27.28 18.41 7.83
C PHE B 43 27.71 18.45 6.38
N ASP B 44 28.47 17.44 5.99
CA ASP B 44 28.83 17.24 4.60
C ASP B 44 27.98 16.14 4.00
N ARG B 45 27.44 16.40 2.81
CA ARG B 45 26.59 15.43 2.16
C ARG B 45 27.43 14.49 1.32
N ILE B 46 27.64 13.28 1.82
CA ILE B 46 28.46 12.30 1.12
C ILE B 46 27.64 11.56 0.07
N LYS B 47 26.64 10.83 0.52
CA LYS B 47 25.97 9.87 -0.35
C LYS B 47 24.50 9.61 0.01
N THR B 48 23.68 9.36 -1.00
CA THR B 48 22.31 8.99 -0.79
C THR B 48 22.23 7.49 -0.48
N LEU B 49 21.81 7.15 0.74
CA LEU B 49 21.79 5.75 1.16
C LEU B 49 20.48 5.07 0.80
N GLY B 50 19.44 5.88 0.61
CA GLY B 50 18.12 5.40 0.24
C GLY B 50 17.13 6.51 -0.08
N THR B 51 16.05 6.14 -0.76
CA THR B 51 15.01 7.09 -1.13
C THR B 51 13.64 6.54 -0.80
N GLY B 52 12.66 7.43 -0.69
CA GLY B 52 11.30 7.07 -0.41
C GLY B 52 10.34 8.01 -1.12
N SER B 53 9.14 8.16 -0.58
CA SER B 53 8.07 8.88 -1.26
C SER B 53 7.85 10.28 -0.69
N PHE B 54 8.42 10.55 0.48
CA PHE B 54 8.43 11.92 0.99
C PHE B 54 9.78 12.27 1.64
N GLY B 55 10.82 11.53 1.30
CA GLY B 55 12.11 11.77 1.90
C GLY B 55 13.17 10.81 1.42
N ARG B 56 14.43 11.09 1.80
CA ARG B 56 15.52 10.17 1.57
C ARG B 56 16.45 10.07 2.77
N VAL B 57 17.42 9.19 2.68
CA VAL B 57 18.40 9.07 3.74
C VAL B 57 19.78 9.32 3.18
N MET B 58 20.53 10.17 3.85
CA MET B 58 21.82 10.58 3.31
C MET B 58 22.94 10.27 4.27
N LEU B 59 24.04 9.75 3.72
CA LEU B 59 25.26 9.60 4.47
C LEU B 59 25.83 10.99 4.61
N VAL B 60 26.16 11.39 5.82
CA VAL B 60 26.75 12.70 6.04
C VAL B 60 27.93 12.60 6.99
N LYS B 61 28.80 13.61 6.95
CA LYS B 61 29.82 13.79 7.99
C LYS B 61 29.54 15.03 8.79
N HIS B 62 29.51 14.91 10.11
CA HIS B 62 29.51 16.09 10.95
C HIS B 62 30.89 16.73 10.82
N LYS B 63 30.92 17.99 10.41
CA LYS B 63 32.17 18.67 10.08
C LYS B 63 33.17 18.75 11.24
N GLU B 64 32.70 19.21 12.40
CA GLU B 64 33.58 19.40 13.54
C GLU B 64 34.04 18.10 14.20
N SER B 65 33.13 17.13 14.33
CA SER B 65 33.45 15.87 14.99
C SER B 65 34.11 14.89 14.03
N GLY B 66 33.84 15.06 12.74
CA GLY B 66 34.36 14.17 11.71
C GLY B 66 33.63 12.84 11.66
N ASN B 67 32.55 12.73 12.43
CA ASN B 67 31.78 11.49 12.52
C ASN B 67 30.69 11.41 11.46
N HIS B 68 30.44 10.19 10.99
CA HIS B 68 29.41 9.95 9.99
C HIS B 68 28.05 9.65 10.59
N TYR B 69 27.02 10.17 9.95
CA TYR B 69 25.63 9.92 10.39
C TYR B 69 24.71 9.67 9.20
N ALA B 70 23.69 8.86 9.43
CA ALA B 70 22.65 8.68 8.44
C ALA B 70 21.62 9.76 8.70
N MET B 71 21.39 10.61 7.71
CA MET B 71 20.49 11.75 7.87
C MET B 71 19.22 11.60 7.02
N LYS B 72 18.07 11.76 7.67
CA LYS B 72 16.76 11.64 7.02
C LYS B 72 16.22 13.00 6.60
N ILE B 73 16.12 13.23 5.29
CA ILE B 73 15.51 14.47 4.82
C ILE B 73 14.06 14.26 4.40
N LEU B 74 13.13 14.73 5.22
CA LEU B 74 11.71 14.69 4.88
C LEU B 74 11.23 16.00 4.26
N ASP B 75 10.88 15.97 2.98
CA ASP B 75 10.21 17.10 2.33
C ASP B 75 8.87 17.37 3.02
N LYS B 76 8.79 18.48 3.75
CA LYS B 76 7.62 18.82 4.55
C LYS B 76 6.32 18.81 3.75
N GLN B 77 6.38 19.27 2.50
CA GLN B 77 5.18 19.32 1.66
C GLN B 77 4.71 17.93 1.27
N LYS B 78 5.63 17.08 0.83
CA LYS B 78 5.31 15.69 0.53
C LYS B 78 4.66 15.01 1.72
N VAL B 79 5.19 15.26 2.91
CA VAL B 79 4.67 14.65 4.13
C VAL B 79 3.18 14.96 4.33
N VAL B 80 2.81 16.21 4.05
CA VAL B 80 1.42 16.66 4.19
C VAL B 80 0.54 16.12 3.06
N LYS B 81 1.09 16.08 1.86
CA LYS B 81 0.39 15.56 0.70
C LYS B 81 0.01 14.11 0.93
N LEU B 82 0.93 13.35 1.52
CA LEU B 82 0.69 11.92 1.78
C LEU B 82 0.04 11.67 3.14
N LYS B 83 -0.34 12.74 3.83
CA LYS B 83 -1.09 12.64 5.09
C LYS B 83 -0.28 12.09 6.28
N GLN B 84 1.05 12.11 6.16
CA GLN B 84 1.93 11.49 7.15
C GLN B 84 2.31 12.40 8.34
N ILE B 85 1.60 13.51 8.49
CA ILE B 85 1.96 14.50 9.50
C ILE B 85 2.20 13.94 10.91
N GLU B 86 1.20 13.33 11.53
CA GLU B 86 1.36 12.81 12.89
C GLU B 86 2.22 11.55 12.97
N HIS B 87 2.11 10.71 11.95
CA HIS B 87 2.97 9.53 11.87
C HIS B 87 4.42 10.02 11.96
N THR B 88 4.69 11.15 11.32
CA THR B 88 6.02 11.74 11.33
C THR B 88 6.37 12.34 12.69
N LEU B 89 5.55 13.27 13.17
CA LEU B 89 5.71 13.84 14.49
C LEU B 89 5.85 12.77 15.55
N ASN B 90 5.05 11.71 15.40
CA ASN B 90 4.99 10.63 16.37
C ASN B 90 6.32 9.87 16.45
N GLU B 91 6.90 9.56 15.29
CA GLU B 91 8.13 8.80 15.26
C GLU B 91 9.25 9.63 15.86
N LYS B 92 9.31 10.89 15.44
CA LYS B 92 10.32 11.82 15.91
C LYS B 92 10.20 11.99 17.41
N ARG B 93 8.98 12.32 17.85
CA ARG B 93 8.67 12.51 19.26
C ARG B 93 8.99 11.28 20.10
N ILE B 94 8.99 10.11 19.48
CA ILE B 94 9.28 8.90 20.22
C ILE B 94 10.79 8.66 20.25
N LEU B 95 11.42 8.66 19.08
CA LEU B 95 12.85 8.44 19.00
C LEU B 95 13.61 9.39 19.93
N GLN B 96 13.08 10.59 20.09
CA GLN B 96 13.75 11.67 20.81
C GLN B 96 13.59 11.56 22.33
N ALA B 97 12.71 10.68 22.78
CA ALA B 97 12.44 10.49 24.21
C ALA B 97 13.06 9.19 24.70
N VAL B 98 13.54 8.40 23.76
CA VAL B 98 13.86 7.00 23.99
C VAL B 98 15.36 6.77 24.11
N ASN B 99 15.74 5.79 24.90
CA ASN B 99 17.14 5.51 25.10
C ASN B 99 17.38 4.09 25.59
N PHE B 100 17.93 3.25 24.71
CA PHE B 100 18.23 1.86 25.05
C PHE B 100 19.26 1.38 24.06
N PRO B 101 20.18 0.52 24.52
CA PRO B 101 21.30 0.05 23.69
C PRO B 101 20.90 -0.43 22.30
N PHE B 102 19.76 -1.10 22.17
CA PHE B 102 19.46 -1.79 20.91
C PHE B 102 18.38 -1.08 20.08
N LEU B 103 18.27 0.23 20.28
CA LEU B 103 17.43 1.07 19.43
C LEU B 103 18.33 2.08 18.77
N VAL B 104 18.15 2.30 17.47
CA VAL B 104 18.92 3.31 16.74
C VAL B 104 18.81 4.66 17.45
N LYS B 105 19.91 5.40 17.48
CA LYS B 105 19.94 6.64 18.22
C LYS B 105 19.70 7.84 17.30
N LEU B 106 18.74 8.67 17.71
CA LEU B 106 18.52 9.98 17.12
C LEU B 106 19.48 10.95 17.80
N GLU B 107 20.54 11.34 17.10
CA GLU B 107 21.52 12.26 17.65
C GLU B 107 21.03 13.70 17.58
N PHE B 108 20.50 14.08 16.42
CA PHE B 108 20.04 15.44 16.19
C PHE B 108 18.77 15.49 15.33
N SER B 109 17.98 16.55 15.50
CA SER B 109 16.84 16.83 14.63
C SER B 109 16.75 18.36 14.43
N PHE B 110 15.97 18.80 13.44
CA PHE B 110 15.83 20.22 13.08
C PHE B 110 15.14 20.36 11.72
N LYS B 111 14.82 21.58 11.31
CA LYS B 111 13.99 21.80 10.12
C LYS B 111 14.28 23.11 9.38
N ASP B 112 13.97 23.12 8.07
CA ASP B 112 14.10 24.30 7.22
C ASP B 112 12.75 24.90 6.88
N ASN B 113 12.76 25.80 5.91
CA ASN B 113 11.55 26.23 5.23
C ASN B 113 10.94 25.02 4.53
N SER B 114 11.80 24.11 4.12
CA SER B 114 11.38 23.02 3.25
C SER B 114 11.35 21.64 3.89
N ASN B 115 12.37 21.31 4.69
CA ASN B 115 12.51 19.93 5.13
C ASN B 115 12.50 19.70 6.63
N LEU B 116 12.46 18.43 6.98
CA LEU B 116 12.59 17.95 8.34
C LEU B 116 13.81 17.09 8.33
N TYR B 117 14.49 17.02 9.46
CA TYR B 117 15.80 16.40 9.52
C TYR B 117 15.95 15.50 10.72
N MET B 118 16.39 14.29 10.45
CA MET B 118 16.63 13.36 11.53
C MET B 118 17.96 12.66 11.33
N VAL B 119 18.94 13.06 12.14
CA VAL B 119 20.29 12.52 12.06
C VAL B 119 20.42 11.33 13.00
N MET B 120 20.68 10.16 12.42
CA MET B 120 20.79 8.94 13.21
C MET B 120 22.22 8.46 13.25
N GLU B 121 22.52 7.60 14.21
CA GLU B 121 23.77 6.86 14.14
C GLU B 121 23.74 6.11 12.83
N TYR B 122 24.86 6.11 12.13
CA TYR B 122 25.02 5.35 10.92
C TYR B 122 25.35 3.91 11.29
N VAL B 123 24.58 2.97 10.76
CA VAL B 123 24.84 1.55 11.01
C VAL B 123 25.09 0.86 9.67
N ALA B 124 26.34 0.51 9.43
CA ALA B 124 26.78 0.15 8.08
C ALA B 124 26.44 -1.27 7.71
N GLY B 125 26.35 -2.13 8.72
CA GLY B 125 26.16 -3.55 8.52
C GLY B 125 24.93 -3.95 7.70
N GLY B 126 23.98 -3.03 7.56
CA GLY B 126 22.76 -3.34 6.83
C GLY B 126 21.81 -4.13 7.71
N GLU B 127 20.77 -4.69 7.11
CA GLU B 127 19.74 -5.33 7.91
C GLU B 127 19.76 -6.86 7.90
N MET B 128 19.30 -7.43 9.01
CA MET B 128 19.32 -8.86 9.21
C MET B 128 18.62 -9.62 8.09
N PHE B 129 17.63 -8.97 7.46
CA PHE B 129 16.88 -9.62 6.38
C PHE B 129 17.80 -10.12 5.25
N SER B 130 18.61 -9.22 4.70
CA SER B 130 19.57 -9.61 3.69
C SER B 130 20.49 -10.71 4.21
N HIS B 131 21.15 -10.48 5.35
CA HIS B 131 22.07 -11.45 5.92
C HIS B 131 21.42 -12.82 6.02
N LEU B 132 20.27 -12.88 6.67
CA LEU B 132 19.56 -14.16 6.82
C LEU B 132 19.30 -14.79 5.45
N ARG B 133 18.84 -13.98 4.49
CA ARG B 133 18.66 -14.47 3.14
C ARG B 133 19.99 -14.98 2.60
N ARG B 134 21.00 -14.10 2.59
CA ARG B 134 22.32 -14.45 2.10
C ARG B 134 22.74 -15.83 2.61
N ILE B 135 22.79 -15.98 3.92
CA ILE B 135 23.37 -17.19 4.52
C ILE B 135 22.36 -18.30 4.82
N GLY B 136 21.12 -18.13 4.37
CA GLY B 136 20.10 -19.15 4.54
C GLY B 136 19.43 -19.14 5.90
N ARG B 137 20.13 -19.60 6.93
CA ARG B 137 19.57 -19.62 8.27
C ARG B 137 20.63 -19.48 9.37
N PHE B 138 20.17 -19.53 10.61
CA PHE B 138 21.00 -19.25 11.77
C PHE B 138 20.98 -20.44 12.72
N SER B 139 22.11 -20.72 13.34
CA SER B 139 22.15 -21.73 14.39
C SER B 139 21.27 -21.23 15.52
N GLU B 140 20.83 -22.14 16.38
CA GLU B 140 20.00 -21.78 17.51
C GLU B 140 20.71 -20.90 18.54
N PRO B 141 22.01 -21.13 18.78
CA PRO B 141 22.70 -20.18 19.66
C PRO B 141 22.90 -18.87 18.93
N HIS B 142 22.96 -18.95 17.61
CA HIS B 142 23.03 -17.75 16.76
C HIS B 142 21.71 -17.00 16.82
N ALA B 143 20.61 -17.66 16.48
CA ALA B 143 19.29 -17.05 16.57
C ALA B 143 19.00 -16.53 17.97
N ARG B 144 19.37 -17.32 18.97
CA ARG B 144 19.11 -16.98 20.36
C ARG B 144 19.79 -15.66 20.74
N PHE B 145 20.96 -15.42 20.14
CA PHE B 145 21.69 -14.20 20.42
C PHE B 145 20.88 -12.97 20.04
N TYR B 146 20.42 -12.94 18.80
CA TYR B 146 19.53 -11.88 18.32
C TYR B 146 18.22 -11.86 19.11
N ALA B 147 17.65 -13.03 19.39
CA ALA B 147 16.39 -13.12 20.11
C ALA B 147 16.49 -12.47 21.48
N ALA B 148 17.58 -12.75 22.18
CA ALA B 148 17.82 -12.16 23.50
C ALA B 148 17.76 -10.63 23.46
N GLN B 149 18.31 -10.07 22.41
CA GLN B 149 18.31 -8.61 22.23
C GLN B 149 16.90 -8.04 22.08
N ILE B 150 16.05 -8.75 21.36
CA ILE B 150 14.69 -8.27 21.14
C ILE B 150 13.87 -8.33 22.42
N VAL B 151 13.94 -9.46 23.11
CA VAL B 151 13.23 -9.62 24.38
C VAL B 151 13.46 -8.42 25.31
N LEU B 152 14.73 -8.03 25.47
CA LEU B 152 15.10 -6.89 26.31
C LEU B 152 14.51 -5.58 25.81
N THR B 153 14.56 -5.37 24.50
CA THR B 153 14.08 -4.14 23.90
C THR B 153 12.57 -4.00 24.08
N PHE B 154 11.85 -5.11 23.96
CA PHE B 154 10.42 -5.10 24.19
C PHE B 154 10.11 -4.88 25.67
N GLU B 155 10.84 -5.56 26.54
CA GLU B 155 10.72 -5.34 27.97
C GLU B 155 10.86 -3.84 28.27
N TYR B 156 11.84 -3.21 27.63
CA TYR B 156 12.06 -1.77 27.79
C TYR B 156 10.91 -0.95 27.25
N LEU B 157 10.58 -1.17 25.98
CA LEU B 157 9.56 -0.38 25.28
C LEU B 157 8.20 -0.53 25.92
N HIS B 158 7.83 -1.78 26.21
CA HIS B 158 6.54 -2.05 26.84
C HIS B 158 6.44 -1.33 28.19
N SER B 159 7.56 -1.30 28.92
CA SER B 159 7.64 -0.57 30.18
C SER B 159 7.13 0.86 30.02
N LEU B 160 7.34 1.42 28.84
CA LEU B 160 6.98 2.80 28.59
C LEU B 160 5.59 2.92 27.98
N ASP B 161 4.87 1.79 27.92
CA ASP B 161 3.54 1.75 27.31
C ASP B 161 3.62 1.96 25.81
N LEU B 162 4.64 1.36 25.20
CA LEU B 162 4.87 1.54 23.77
C LEU B 162 4.79 0.20 23.07
N ILE B 163 3.96 0.14 22.04
CA ILE B 163 3.85 -1.07 21.24
C ILE B 163 4.66 -0.84 19.98
N TYR B 164 5.49 -1.82 19.62
CA TYR B 164 6.35 -1.63 18.46
C TYR B 164 5.64 -1.84 17.13
N ARG B 165 4.86 -2.92 17.05
CA ARG B 165 3.97 -3.17 15.90
C ARG B 165 4.67 -3.30 14.55
N ASP B 166 5.96 -3.58 14.53
CA ASP B 166 6.65 -3.64 13.25
C ASP B 166 7.85 -4.58 13.23
N LEU B 167 7.88 -5.53 14.15
CA LEU B 167 8.95 -6.51 14.17
C LEU B 167 9.00 -7.27 12.85
N LYS B 168 10.20 -7.35 12.29
CA LYS B 168 10.48 -8.03 11.02
C LYS B 168 11.94 -7.76 10.67
N PRO B 169 12.61 -8.76 10.08
CA PRO B 169 14.05 -8.79 9.77
C PRO B 169 14.59 -7.50 9.17
N GLU B 170 13.89 -6.93 8.20
CA GLU B 170 14.37 -5.72 7.52
C GLU B 170 14.32 -4.48 8.42
N ASN B 171 13.83 -4.63 9.63
CA ASN B 171 13.81 -3.52 10.59
C ASN B 171 14.92 -3.65 11.62
N LEU B 172 15.68 -4.73 11.52
CA LEU B 172 16.78 -4.96 12.45
C LEU B 172 18.16 -4.74 11.81
N LEU B 173 18.72 -3.54 12.04
CA LEU B 173 20.07 -3.21 11.57
C LEU B 173 21.17 -3.88 12.41
N ILE B 174 22.24 -4.31 11.75
CA ILE B 174 23.33 -4.97 12.46
C ILE B 174 24.57 -4.12 12.49
N ASP B 175 24.96 -3.70 13.69
CA ASP B 175 26.11 -2.79 13.83
C ASP B 175 27.46 -3.50 13.69
N GLN B 176 28.52 -2.71 13.59
CA GLN B 176 29.86 -3.24 13.41
C GLN B 176 30.21 -4.20 14.55
N GLN B 177 29.62 -3.96 15.71
CA GLN B 177 29.87 -4.79 16.87
C GLN B 177 29.06 -6.09 16.82
N GLY B 178 28.23 -6.24 15.79
CA GLY B 178 27.47 -7.46 15.59
C GLY B 178 26.10 -7.50 16.26
N TYR B 179 25.82 -6.49 17.07
CA TYR B 179 24.55 -6.41 17.79
C TYR B 179 23.44 -5.78 16.93
N ILE B 180 22.22 -6.20 17.22
CA ILE B 180 21.04 -5.70 16.54
C ILE B 180 20.74 -4.29 17.03
N GLN B 181 20.31 -3.44 16.10
CA GLN B 181 19.76 -2.12 16.42
C GLN B 181 18.44 -1.90 15.66
N VAL B 182 17.38 -1.66 16.41
CA VAL B 182 16.04 -1.59 15.85
C VAL B 182 15.77 -0.22 15.25
N THR B 183 15.23 -0.21 14.03
CA THR B 183 14.90 1.03 13.35
C THR B 183 13.43 1.11 12.98
N ASP B 184 12.97 2.33 12.65
CA ASP B 184 11.64 2.56 12.11
C ASP B 184 10.55 2.44 13.17
N PHE B 185 10.14 3.58 13.71
CA PHE B 185 9.10 3.63 14.74
C PHE B 185 7.88 4.38 14.22
N GLY B 186 7.69 4.36 12.91
CA GLY B 186 6.56 5.01 12.29
C GLY B 186 5.25 4.50 12.84
N PHE B 187 5.20 3.21 13.16
CA PHE B 187 3.94 2.59 13.60
C PHE B 187 3.90 2.26 15.08
N ALA B 188 4.88 2.74 15.83
CA ALA B 188 4.90 2.55 17.26
C ALA B 188 3.93 3.55 17.90
N LYS B 189 3.10 3.06 18.83
CA LYS B 189 2.13 3.92 19.51
C LYS B 189 2.27 3.79 21.01
N ARG B 190 2.04 4.88 21.73
CA ARG B 190 2.02 4.84 23.18
C ARG B 190 0.59 4.55 23.59
N VAL B 191 0.34 3.33 24.07
CA VAL B 191 -1.04 2.87 24.28
C VAL B 191 -1.18 2.09 25.57
N LYS B 192 -1.96 2.64 26.50
CA LYS B 192 -2.23 1.93 27.75
C LYS B 192 -3.26 0.84 27.48
N GLY B 193 -4.29 1.18 26.71
CA GLY B 193 -5.39 0.28 26.47
C GLY B 193 -5.24 -0.70 25.32
N ARG B 194 -6.08 -0.52 24.30
CA ARG B 194 -6.10 -1.40 23.13
C ARG B 194 -6.15 -0.52 21.90
N THR B 195 -5.85 -1.09 20.74
CA THR B 195 -5.77 -0.31 19.51
C THR B 195 -6.23 -1.18 18.35
N TRP B 196 -6.45 -0.57 17.19
CA TRP B 196 -7.10 -1.30 16.10
C TRP B 196 -6.43 -1.24 14.73
N TPO B 197 -5.54 -0.28 14.50
CA TPO B 197 -4.86 -0.32 13.22
CB TPO B 197 -3.82 0.79 13.15
CG2 TPO B 197 -3.44 1.08 11.72
OG1 TPO B 197 -4.37 1.97 13.74
P TPO B 197 -3.51 2.78 14.84
O1P TPO B 197 -4.51 3.70 15.53
O2P TPO B 197 -2.98 1.72 15.76
O3P TPO B 197 -2.43 3.51 14.06
C TPO B 197 -4.19 -1.56 12.66
O TPO B 197 -3.27 -2.13 13.28
N LEU B 198 -4.47 -2.15 11.38
CA LEU B 198 -3.71 -3.08 10.57
C LEU B 198 -2.56 -2.32 9.94
N CYS B 199 -1.32 -2.71 10.28
CA CYS B 199 -0.16 -2.00 9.74
C CYS B 199 1.14 -2.81 9.56
N GLY B 200 1.44 -3.71 10.47
CA GLY B 200 2.65 -4.51 10.33
C GLY B 200 2.54 -5.51 9.19
N THR B 201 3.68 -5.97 8.69
CA THR B 201 3.71 -7.00 7.65
C THR B 201 2.93 -8.27 8.00
N PRO B 202 2.27 -8.85 7.00
CA PRO B 202 1.37 -10.01 7.08
C PRO B 202 1.94 -11.21 7.82
N GLU B 203 3.25 -11.45 7.71
CA GLU B 203 3.81 -12.66 8.30
C GLU B 203 3.98 -12.59 9.81
N TYR B 204 3.96 -11.39 10.37
CA TYR B 204 4.26 -11.17 11.79
C TYR B 204 3.03 -10.74 12.60
N LEU B 205 1.92 -10.53 11.90
CA LEU B 205 0.65 -10.13 12.53
C LEU B 205 0.10 -11.23 13.43
N ALA B 206 -0.35 -10.85 14.61
CA ALA B 206 -1.02 -11.81 15.48
C ALA B 206 -2.50 -12.02 15.09
N PRO B 207 -3.00 -13.24 15.33
CA PRO B 207 -4.43 -13.57 15.12
C PRO B 207 -5.39 -12.43 15.50
N GLU B 208 -5.27 -11.91 16.72
CA GLU B 208 -6.11 -10.81 17.16
C GLU B 208 -6.23 -9.74 16.07
N ILE B 209 -5.08 -9.28 15.60
CA ILE B 209 -5.06 -8.17 14.65
C ILE B 209 -5.89 -8.50 13.41
N ILE B 210 -5.67 -9.69 12.87
CA ILE B 210 -6.31 -10.10 11.64
C ILE B 210 -7.84 -10.16 11.81
N LEU B 211 -8.29 -10.46 13.03
CA LEU B 211 -9.72 -10.57 13.34
C LEU B 211 -10.33 -9.26 13.83
N SER B 212 -9.59 -8.16 13.68
CA SER B 212 -10.07 -6.85 14.11
C SER B 212 -10.61 -6.87 15.54
N LYS B 213 -9.98 -7.68 16.39
CA LYS B 213 -10.38 -7.84 17.78
C LYS B 213 -10.07 -6.63 18.67
N GLY B 214 -8.97 -5.92 18.38
CA GLY B 214 -8.54 -4.81 19.20
C GLY B 214 -7.42 -5.25 20.13
N TYR B 215 -6.18 -5.04 19.72
CA TYR B 215 -5.04 -5.71 20.33
C TYR B 215 -4.20 -4.85 21.26
N ASN B 216 -3.17 -5.47 21.83
CA ASN B 216 -2.25 -4.79 22.76
C ASN B 216 -0.81 -5.32 22.63
N LYS B 217 0.04 -4.97 23.60
CA LYS B 217 1.47 -5.32 23.54
C LYS B 217 1.77 -6.80 23.23
N ALA B 218 0.83 -7.69 23.55
CA ALA B 218 1.05 -9.13 23.37
C ALA B 218 1.28 -9.47 21.91
N VAL B 219 1.02 -8.50 21.04
CA VAL B 219 1.25 -8.64 19.63
C VAL B 219 2.74 -8.75 19.32
N ASP B 220 3.53 -7.95 20.02
CA ASP B 220 4.98 -7.98 19.83
C ASP B 220 5.56 -9.32 20.27
N TRP B 221 4.92 -9.95 21.25
CA TRP B 221 5.36 -11.27 21.70
C TRP B 221 5.03 -12.30 20.65
N TRP B 222 3.88 -12.15 20.02
CA TRP B 222 3.56 -13.00 18.89
C TRP B 222 4.64 -12.85 17.81
N ALA B 223 4.95 -11.61 17.45
CA ALA B 223 5.90 -11.32 16.37
C ALA B 223 7.29 -11.85 16.68
N LEU B 224 7.75 -11.65 17.92
CA LEU B 224 9.02 -12.21 18.33
C LEU B 224 9.05 -13.71 18.07
N GLY B 225 7.94 -14.38 18.36
CA GLY B 225 7.82 -15.80 18.09
C GLY B 225 8.08 -16.08 16.63
N VAL B 226 7.58 -15.22 15.75
CA VAL B 226 7.78 -15.39 14.33
C VAL B 226 9.23 -15.15 13.91
N LEU B 227 9.82 -14.07 14.42
CA LEU B 227 11.21 -13.75 14.13
C LEU B 227 12.08 -14.96 14.46
N ILE B 228 11.96 -15.45 15.69
CA ILE B 228 12.79 -16.56 16.14
C ILE B 228 12.66 -17.73 15.19
N TYR B 229 11.42 -18.03 14.81
CA TYR B 229 11.16 -19.13 13.90
C TYR B 229 11.89 -18.93 12.58
N GLU B 230 11.76 -17.74 12.01
CA GLU B 230 12.34 -17.47 10.70
C GLU B 230 13.86 -17.47 10.78
N MET B 231 14.39 -16.92 11.87
CA MET B 231 15.83 -16.86 12.09
C MET B 231 16.42 -18.27 12.19
N ALA B 232 15.62 -19.19 12.71
CA ALA B 232 16.09 -20.54 12.96
C ALA B 232 15.87 -21.46 11.76
N ALA B 233 14.97 -21.06 10.88
CA ALA B 233 14.61 -21.93 9.76
C ALA B 233 14.96 -21.35 8.39
N GLY B 234 14.95 -20.01 8.28
CA GLY B 234 15.26 -19.36 7.03
C GLY B 234 14.02 -18.93 6.28
N TYR B 235 12.87 -19.11 6.91
CA TYR B 235 11.59 -18.69 6.37
C TYR B 235 10.63 -18.57 7.55
N PRO B 236 9.60 -17.72 7.42
CA PRO B 236 8.59 -17.49 8.46
C PRO B 236 7.70 -18.71 8.65
N PRO B 237 7.01 -18.79 9.78
CA PRO B 237 6.17 -19.96 10.07
C PRO B 237 4.87 -19.99 9.25
N PHE B 238 4.36 -18.83 8.87
CA PHE B 238 3.15 -18.77 8.06
C PHE B 238 3.47 -18.14 6.70
N PHE B 239 4.19 -18.88 5.87
CA PHE B 239 4.53 -18.37 4.55
C PHE B 239 3.54 -18.79 3.47
N ALA B 240 3.42 -17.92 2.47
CA ALA B 240 2.68 -18.21 1.25
C ALA B 240 2.90 -17.06 0.27
N ASP B 241 3.05 -17.39 -1.00
CA ASP B 241 3.24 -16.38 -2.04
C ASP B 241 1.99 -15.54 -2.24
N GLN B 242 0.85 -16.08 -1.85
CA GLN B 242 -0.40 -15.32 -1.91
C GLN B 242 -0.69 -14.66 -0.57
N PRO B 243 -0.76 -13.32 -0.57
CA PRO B 243 -1.07 -12.53 0.63
C PRO B 243 -2.26 -13.08 1.44
N ILE B 244 -3.42 -13.31 0.81
CA ILE B 244 -4.58 -13.73 1.60
C ILE B 244 -4.32 -15.04 2.35
N GLN B 245 -3.58 -15.96 1.74
CA GLN B 245 -3.26 -17.24 2.39
C GLN B 245 -2.36 -17.08 3.61
N ILE B 246 -1.49 -16.06 3.60
CA ILE B 246 -0.69 -15.75 4.77
C ILE B 246 -1.62 -15.51 5.96
N TYR B 247 -2.71 -14.78 5.72
CA TYR B 247 -3.66 -14.42 6.77
C TYR B 247 -4.43 -15.64 7.27
N GLU B 248 -4.89 -16.46 6.35
CA GLU B 248 -5.65 -17.65 6.72
C GLU B 248 -4.80 -18.59 7.55
N LYS B 249 -3.54 -18.73 7.16
CA LYS B 249 -2.65 -19.71 7.75
C LYS B 249 -2.31 -19.32 9.20
N ILE B 250 -2.22 -18.01 9.45
CA ILE B 250 -2.07 -17.49 10.81
C ILE B 250 -3.28 -17.80 11.68
N VAL B 251 -4.46 -17.46 11.18
CA VAL B 251 -5.70 -17.69 11.92
C VAL B 251 -5.97 -19.17 12.17
N SER B 252 -5.63 -20.00 11.19
CA SER B 252 -5.67 -21.45 11.37
C SER B 252 -4.81 -21.91 12.55
N GLY B 253 -3.54 -21.51 12.56
CA GLY B 253 -2.69 -21.73 13.70
C GLY B 253 -1.71 -22.89 13.58
N LYS B 254 -1.99 -23.81 12.66
CA LYS B 254 -1.10 -24.95 12.48
C LYS B 254 0.33 -24.53 12.13
N VAL B 255 1.27 -24.87 13.00
CA VAL B 255 2.68 -24.57 12.75
C VAL B 255 3.48 -25.87 12.74
N ARG B 256 4.26 -26.06 11.68
CA ARG B 256 5.13 -27.23 11.57
C ARG B 256 6.59 -26.82 11.79
N PHE B 257 7.30 -27.60 12.60
CA PHE B 257 8.71 -27.29 12.89
C PHE B 257 9.68 -28.19 12.15
N PRO B 258 10.67 -27.58 11.49
CA PRO B 258 11.70 -28.39 10.83
C PRO B 258 12.28 -29.41 11.81
N SER B 259 12.55 -30.60 11.31
CA SER B 259 13.14 -31.68 12.10
C SER B 259 14.08 -31.14 13.16
N HIS B 260 14.94 -30.22 12.73
CA HIS B 260 16.09 -29.76 13.50
C HIS B 260 15.80 -28.70 14.58
N PHE B 261 14.60 -28.75 15.15
CA PHE B 261 14.25 -27.80 16.21
C PHE B 261 14.38 -28.45 17.57
N SER B 262 15.32 -27.96 18.37
CA SER B 262 15.45 -28.41 19.74
C SER B 262 14.07 -28.46 20.39
N SER B 263 13.87 -29.42 21.29
CA SER B 263 12.58 -29.57 21.96
C SER B 263 12.28 -28.31 22.77
N ASP B 264 13.34 -27.60 23.14
CA ASP B 264 13.20 -26.35 23.87
C ASP B 264 12.63 -25.27 22.95
N LEU B 265 13.22 -25.15 21.78
CA LEU B 265 12.76 -24.18 20.79
C LEU B 265 11.28 -24.39 20.46
N LYS B 266 10.90 -25.64 20.20
CA LYS B 266 9.50 -25.96 19.93
C LYS B 266 8.59 -25.48 21.05
N ASP B 267 9.05 -25.67 22.28
CA ASP B 267 8.22 -25.32 23.44
C ASP B 267 8.07 -23.80 23.56
N LEU B 268 9.14 -23.08 23.29
CA LEU B 268 9.11 -21.62 23.32
C LEU B 268 8.08 -21.14 22.34
N LEU B 269 8.28 -21.53 21.08
CA LEU B 269 7.43 -21.08 19.99
C LEU B 269 5.96 -21.41 20.18
N ARG B 270 5.65 -22.57 20.77
CA ARG B 270 4.27 -22.89 21.07
C ARG B 270 3.67 -21.83 21.99
N ASN B 271 4.44 -21.40 22.99
CA ASN B 271 3.98 -20.37 23.94
C ASN B 271 4.01 -18.94 23.41
N LEU B 272 4.85 -18.68 22.41
CA LEU B 272 4.89 -17.36 21.78
C LEU B 272 3.83 -17.26 20.67
N LEU B 273 3.86 -18.22 19.76
CA LEU B 273 2.84 -18.31 18.73
C LEU B 273 1.61 -18.97 19.36
N GLN B 274 0.85 -18.18 20.10
CA GLN B 274 -0.26 -18.72 20.87
C GLN B 274 -1.49 -17.81 20.80
N VAL B 275 -2.55 -18.29 20.13
CA VAL B 275 -3.82 -17.57 20.04
C VAL B 275 -4.35 -17.20 21.41
N ASP B 276 -4.25 -18.13 22.35
CA ASP B 276 -4.84 -17.91 23.65
C ASP B 276 -4.10 -16.80 24.38
N LEU B 277 -4.61 -15.58 24.25
CA LEU B 277 -4.01 -14.44 24.91
C LEU B 277 -3.79 -14.71 26.39
N THR B 278 -4.57 -15.64 26.95
CA THR B 278 -4.48 -15.97 28.36
C THR B 278 -3.32 -16.91 28.64
N LYS B 279 -2.72 -17.45 27.57
CA LYS B 279 -1.59 -18.36 27.73
C LYS B 279 -0.35 -17.94 26.94
N ARG B 280 -0.40 -16.75 26.34
CA ARG B 280 0.74 -16.29 25.56
C ARG B 280 1.83 -15.72 26.45
N PHE B 281 3.05 -16.22 26.27
CA PHE B 281 4.21 -15.72 26.99
C PHE B 281 4.41 -14.23 26.74
N GLY B 282 4.45 -13.47 27.83
CA GLY B 282 4.55 -12.02 27.74
C GLY B 282 3.35 -11.35 28.36
N ASN B 283 2.15 -11.87 28.08
CA ASN B 283 0.90 -11.30 28.58
C ASN B 283 0.47 -11.84 29.94
N LEU B 284 1.09 -12.94 30.38
CA LEU B 284 0.75 -13.54 31.66
C LEU B 284 1.27 -12.69 32.81
N LYS B 285 0.88 -13.05 34.03
CA LYS B 285 1.21 -12.26 35.21
C LYS B 285 2.69 -12.37 35.56
N ASN B 286 3.33 -13.46 35.14
CA ASN B 286 4.75 -13.64 35.39
C ASN B 286 5.61 -12.82 34.42
N GLY B 287 4.94 -12.18 33.45
CA GLY B 287 5.59 -11.26 32.54
C GLY B 287 6.67 -11.84 31.65
N VAL B 288 7.68 -11.02 31.36
CA VAL B 288 8.80 -11.43 30.52
C VAL B 288 9.62 -12.54 31.18
N ASN B 289 9.41 -12.70 32.49
CA ASN B 289 10.13 -13.71 33.25
C ASN B 289 9.85 -15.11 32.73
N ASP B 290 8.62 -15.34 32.29
CA ASP B 290 8.27 -16.63 31.71
C ASP B 290 9.19 -16.96 30.54
N ILE B 291 9.44 -15.97 29.68
CA ILE B 291 10.35 -16.13 28.56
C ILE B 291 11.83 -16.17 28.99
N LYS B 292 12.24 -15.21 29.81
CA LYS B 292 13.65 -15.10 30.21
C LYS B 292 14.16 -16.31 30.99
N ASN B 293 13.24 -17.08 31.56
CA ASN B 293 13.62 -18.30 32.28
C ASN B 293 13.46 -19.57 31.46
N HIS B 294 12.60 -19.52 30.45
CA HIS B 294 12.32 -20.69 29.64
C HIS B 294 13.61 -21.45 29.30
N LYS B 295 13.50 -22.77 29.23
CA LYS B 295 14.67 -23.64 29.11
C LYS B 295 15.48 -23.40 27.84
N TRP B 296 14.94 -22.63 26.90
CA TRP B 296 15.69 -22.34 25.68
C TRP B 296 16.67 -21.19 25.87
N PHE B 297 16.49 -20.43 26.95
CA PHE B 297 17.39 -19.32 27.26
C PHE B 297 18.27 -19.59 28.49
N ALA B 298 18.55 -20.86 28.77
CA ALA B 298 19.40 -21.20 29.91
C ALA B 298 20.82 -20.68 29.73
N THR B 299 21.36 -20.87 28.53
CA THR B 299 22.73 -20.49 28.22
C THR B 299 22.82 -19.06 27.70
N THR B 300 22.19 -18.13 28.39
CA THR B 300 22.25 -16.72 28.02
C THR B 300 22.24 -15.78 29.22
N ASP B 301 23.21 -14.87 29.24
CA ASP B 301 23.41 -13.97 30.36
C ASP B 301 22.79 -12.63 30.01
N TRP B 302 21.69 -12.31 30.67
CA TRP B 302 20.88 -11.18 30.25
C TRP B 302 21.53 -9.81 30.48
N ILE B 303 22.24 -9.64 31.58
CA ILE B 303 22.91 -8.36 31.83
C ILE B 303 24.18 -8.18 30.99
N ALA B 304 24.85 -9.29 30.67
CA ALA B 304 26.01 -9.25 29.78
C ALA B 304 25.63 -8.81 28.36
N ILE B 305 24.55 -9.37 27.85
CA ILE B 305 24.02 -8.97 26.55
C ILE B 305 23.61 -7.49 26.51
N TYR B 306 22.95 -7.04 27.57
CA TYR B 306 22.58 -5.64 27.67
C TYR B 306 23.82 -4.74 27.64
N GLN B 307 24.87 -5.20 28.29
CA GLN B 307 26.14 -4.47 28.33
C GLN B 307 27.03 -4.78 27.14
N ARG B 308 26.57 -5.66 26.27
CA ARG B 308 27.26 -5.99 25.04
C ARG B 308 28.57 -6.71 25.31
N LYS B 309 28.64 -7.38 26.45
CA LYS B 309 29.82 -8.18 26.77
C LYS B 309 29.57 -9.66 26.44
N VAL B 310 28.90 -9.89 25.31
CA VAL B 310 28.65 -11.23 24.81
C VAL B 310 29.11 -11.32 23.35
N GLU B 311 30.00 -12.26 23.07
CA GLU B 311 30.57 -12.37 21.73
C GLU B 311 29.50 -12.67 20.68
N ALA B 312 29.47 -11.86 19.62
CA ALA B 312 28.49 -12.04 18.54
C ALA B 312 28.99 -13.04 17.49
N PRO B 313 28.09 -13.88 17.00
CA PRO B 313 28.33 -14.89 15.96
C PRO B 313 28.83 -14.31 14.65
N PHE B 314 28.43 -13.08 14.32
CA PHE B 314 28.68 -12.52 13.00
C PHE B 314 29.08 -11.06 13.08
N ILE B 315 29.82 -10.61 12.07
CA ILE B 315 30.25 -9.23 11.94
C ILE B 315 30.35 -8.86 10.47
N PRO B 316 29.74 -7.74 10.07
CA PRO B 316 29.81 -7.28 8.68
C PRO B 316 31.11 -6.53 8.40
N LYS B 317 31.52 -6.48 7.13
CA LYS B 317 32.68 -5.70 6.73
C LYS B 317 32.43 -4.21 7.00
N PRO B 321 34.56 5.03 8.05
CA PRO B 321 34.94 5.98 7.02
C PRO B 321 34.10 5.78 5.76
N GLY B 322 32.78 5.63 5.92
CA GLY B 322 31.97 5.08 4.86
C GLY B 322 32.42 3.63 4.74
N ASP B 323 32.26 3.02 3.57
CA ASP B 323 31.52 3.62 2.47
C ASP B 323 30.19 2.89 2.42
N THR B 324 29.33 3.30 1.49
CA THR B 324 28.01 2.67 1.38
C THR B 324 28.11 1.29 0.74
N SER B 325 29.14 0.54 1.16
CA SER B 325 29.41 -0.80 0.61
C SER B 325 28.16 -1.68 0.55
N ASN B 326 27.52 -1.89 1.71
CA ASN B 326 26.34 -2.74 1.78
C ASN B 326 25.03 -2.00 1.47
N PHE B 327 25.14 -0.94 0.68
CA PHE B 327 23.98 -0.13 0.28
C PHE B 327 23.85 -0.03 -1.24
N ASP B 328 22.85 0.72 -1.69
CA ASP B 328 22.60 0.90 -3.12
C ASP B 328 23.14 2.24 -3.62
N ASP B 329 23.18 2.38 -4.94
CA ASP B 329 23.53 3.66 -5.56
C ASP B 329 22.25 4.31 -6.10
N TYR B 330 22.12 5.62 -5.89
CA TYR B 330 20.92 6.34 -6.28
C TYR B 330 21.24 7.63 -7.02
N GLU B 331 20.28 8.11 -7.80
CA GLU B 331 20.41 9.41 -8.46
C GLU B 331 20.46 10.49 -7.39
N GLU B 332 21.58 11.21 -7.35
CA GLU B 332 21.82 12.18 -6.30
C GLU B 332 21.16 13.52 -6.58
N GLU B 333 20.27 13.93 -5.67
CA GLU B 333 19.53 15.16 -5.85
C GLU B 333 20.04 16.28 -4.93
N GLU B 334 19.92 17.51 -5.40
CA GLU B 334 20.28 18.66 -4.58
C GLU B 334 19.28 18.75 -3.44
N ILE B 335 19.75 19.22 -2.28
CA ILE B 335 18.85 19.49 -1.17
C ILE B 335 18.46 20.97 -1.13
N ARG B 336 17.76 21.42 -2.17
CA ARG B 336 17.31 22.81 -2.26
C ARG B 336 16.29 23.15 -1.18
N VAL B 337 16.32 24.38 -0.72
CA VAL B 337 15.45 24.86 0.36
C VAL B 337 14.76 26.15 -0.09
N SEP B 338 13.45 26.21 0.01
CA SEP B 338 12.72 27.39 -0.45
CB SEP B 338 11.21 27.17 -0.41
OG SEP B 338 10.50 28.36 -0.75
C SEP B 338 13.09 28.61 0.39
O SEP B 338 13.36 28.49 1.58
P SEP B 338 10.48 28.61 -2.34
O1P SEP B 338 10.96 27.29 -3.13
O2P SEP B 338 8.98 28.97 -2.79
O3P SEP B 338 11.48 29.80 -2.74
N ILE B 339 13.11 29.77 -0.27
CA ILE B 339 13.25 31.04 0.43
C ILE B 339 12.00 31.24 1.27
N ASN B 340 10.94 30.56 0.86
CA ASN B 340 9.67 30.61 1.57
C ASN B 340 9.52 29.43 2.52
N GLU B 341 9.15 29.73 3.77
CA GLU B 341 8.78 28.70 4.73
C GLU B 341 7.56 27.92 4.27
N LYS B 342 7.74 26.61 4.05
CA LYS B 342 6.64 25.74 3.64
C LYS B 342 5.96 25.09 4.84
N CYS B 343 4.69 24.75 4.68
CA CYS B 343 3.89 24.07 5.69
C CYS B 343 4.38 24.32 7.13
N GLY B 344 4.51 25.60 7.49
CA GLY B 344 5.08 25.97 8.77
C GLY B 344 4.26 25.60 9.99
N LYS B 345 2.94 25.81 9.91
CA LYS B 345 2.04 25.64 11.05
C LYS B 345 2.03 24.21 11.59
N GLU B 346 1.91 23.24 10.68
CA GLU B 346 1.60 21.87 11.06
C GLU B 346 2.78 21.05 11.60
N PHE B 347 3.98 21.61 11.54
CA PHE B 347 5.17 20.89 11.97
C PHE B 347 5.92 21.63 13.08
N THR B 348 5.27 22.61 13.69
CA THR B 348 5.94 23.44 14.70
C THR B 348 6.32 22.64 15.94
N GLU B 349 5.70 21.48 16.12
CA GLU B 349 5.91 20.65 17.30
C GLU B 349 7.17 19.78 17.14
N PHE B 350 7.72 19.81 15.93
CA PHE B 350 8.89 19.01 15.58
C PHE B 350 10.15 19.50 16.30
N VAL C 1 -15.79 -15.88 7.48
CA VAL C 1 -14.54 -15.19 7.76
C VAL C 1 -14.33 -13.98 6.84
N GLN C 2 -14.27 -12.79 7.45
CA GLN C 2 -14.09 -11.56 6.69
C GLN C 2 -12.81 -10.84 7.12
N TYR C 3 -11.74 -11.00 6.35
CA TYR C 3 -10.49 -10.31 6.64
C TYR C 3 -10.46 -8.93 6.01
N LEU C 4 -10.09 -7.93 6.80
CA LEU C 4 -10.06 -6.56 6.33
C LEU C 4 -8.77 -6.17 5.63
N THR C 5 -7.94 -7.14 5.25
CA THR C 5 -6.73 -6.84 4.52
C THR C 5 -7.06 -6.33 3.12
N ARG C 6 -6.26 -5.39 2.61
CA ARG C 6 -6.43 -4.90 1.26
C ARG C 6 -6.14 -5.98 0.24
N SER C 7 -5.84 -7.19 0.72
CA SER C 7 -5.66 -8.32 -0.17
C SER C 7 -6.99 -9.08 -0.34
N ALA C 8 -7.99 -8.70 0.46
CA ALA C 8 -9.30 -9.33 0.42
C ALA C 8 -10.43 -8.34 0.09
N ILE C 9 -10.43 -7.17 0.71
CA ILE C 9 -11.52 -6.21 0.52
C ILE C 9 -11.35 -5.29 -0.70
N ARG C 10 -12.47 -4.77 -1.19
CA ARG C 10 -12.47 -3.81 -2.29
C ARG C 10 -11.65 -2.59 -1.87
N ARG C 11 -10.73 -2.16 -2.74
CA ARG C 11 -9.88 -1.02 -2.41
C ARG C 11 -10.47 0.28 -2.94
N ALA C 12 -10.73 1.20 -2.02
CA ALA C 12 -11.35 2.48 -2.35
C ALA C 12 -10.34 3.45 -2.98
N SER C 13 -10.84 4.30 -3.87
CA SER C 13 -10.01 5.29 -4.56
C SER C 13 -9.42 6.29 -3.56
N THR C 14 -8.12 6.62 -3.74
CA THR C 14 -7.44 7.59 -2.89
C THR C 14 -8.23 8.89 -2.86
N ILE C 15 -8.92 9.10 -1.74
CA ILE C 15 -9.86 10.20 -1.59
C ILE C 15 -9.17 11.55 -1.60
MG MG D . -14.80 6.95 -8.83
MG MG E . -15.81 2.83 -7.78
C1 PEG F . -18.84 9.16 -0.34
O1 PEG F . -18.39 7.79 -0.62
C2 PEG F . -19.09 9.62 -1.84
O2 PEG F . -20.54 9.54 -1.50
C3 PEG F . -21.29 10.42 -2.45
C4 PEG F . -22.70 9.77 -2.83
O4 PEG F . -23.56 10.84 -3.49
PB ANP G . -17.57 4.61 -7.06
O1B ANP G . -16.71 5.50 -8.15
O2B ANP G . -18.71 5.73 -6.42
N3B ANP G . -16.82 3.44 -5.96
PA ANP G . -18.37 3.31 -9.57
O1A ANP G . -18.93 4.14 -10.73
O2A ANP G . -16.58 2.65 -9.47
O3A ANP G . -18.69 4.43 -8.34
O5' ANP G . -18.95 2.02 -8.98
C5' ANP G . -19.86 2.04 -7.95
C4' ANP G . -19.94 0.48 -8.05
O4' ANP G . -21.23 -0.11 -8.21
C3' ANP G . -19.09 -0.31 -9.11
O3' ANP G . -18.03 -0.87 -8.23
C2' ANP G . -20.01 -1.41 -9.73
O2' ANP G . -20.24 -2.56 -8.91
C1' ANP G . -21.31 -0.86 -9.40
N9 ANP G . -21.68 -0.26 -10.70
C8 ANP G . -21.42 0.94 -11.24
N7 ANP G . -21.87 1.05 -12.54
C5 ANP G . -22.50 -0.11 -12.81
C6 ANP G . -23.28 -0.66 -14.02
N6 ANP G . -23.44 0.12 -15.19
N1 ANP G . -23.80 -1.90 -13.89
C2 ANP G . -23.61 -2.64 -12.73
N3 ANP G . -23.02 -2.25 -11.59
C4 ANP G . -22.45 -0.96 -11.58
#